data_3NOD
#
_entry.id   3NOD
#
_cell.length_a   213.000
_cell.length_b   213.000
_cell.length_c   114.200
_cell.angle_alpha   90.00
_cell.angle_beta   90.00
_cell.angle_gamma   120.00
#
_symmetry.space_group_name_H-M   'P 61 2 2'
#
loop_
_entity.id
_entity.type
_entity.pdbx_description
1 polymer 'NITRIC OXIDE SYNTHASE'
2 non-polymer 'SULFATE ION'
3 non-polymer 'PROTOPORPHYRIN IX CONTAINING FE'
4 non-polymer 5,6,7,8-TETRAHYDROBIOPTERIN
5 non-polymer L-THIOCITRULLINE
6 water water
#
_entity_poly.entity_id   1
_entity_poly.type   'polypeptide(L)'
_entity_poly.pdbx_seq_one_letter_code
;QYVRIKNWGSGEILHDTLHHKATSDFTCKSKSCLGSIMNPKSLTRGPRDKPTPLEELLPHAIEFINQYYGSFKEAKIEEH
LARLEAVTKEIETTGTYQLTLDELIFATKMAWRNAPRCIGRIQWSNLQVFDARNCSTAQEMFQHICRHILYATNNGNIRS
AITVFPQRSDGKHDFRLWNSQLIRYAGYQMPDGTIRGDAATLEFTQLCIDLGWKPRYGRFDVLPLVLQADGQDPEVFEIP
PDLVLEVTMEHPKYEWFQELGLKWYALPAVANMLLEVGGLEFPACPFNGWYMGTEIGVRDFCDTQRYNILEEVGRRMGLE
THTLASLWKDRAVTEINVAVLHSFQKQNVTIMDHHTASESFMKHMQNEYRARGGCPADWIWLVPPVSGSITPVFHQEMLN
YVLSPFYYYQIEPWKTHIWQNEK
;
_entity_poly.pdbx_strand_id   A,B
#
loop_
_chem_comp.id
_chem_comp.type
_chem_comp.name
_chem_comp.formula
H4B non-polymer 5,6,7,8-TETRAHYDROBIOPTERIN 'C9 H15 N5 O3'
HEM non-polymer 'PROTOPORPHYRIN IX CONTAINING FE' 'C34 H32 Fe N4 O4'
SCI non-polymer L-THIOCITRULLINE 'C6 H13 N3 O2 S'
SO4 non-polymer 'SULFATE ION' 'O4 S -2'
#
# COMPACT_ATOMS: atom_id res chain seq x y z
N GLN A 1 -14.39 5.66 31.95
CA GLN A 1 -14.27 7.10 31.83
C GLN A 1 -15.42 7.73 31.03
N TYR A 2 -15.69 7.16 29.86
CA TYR A 2 -16.78 7.61 28.98
C TYR A 2 -17.08 6.53 27.94
N VAL A 3 -18.20 6.66 27.23
CA VAL A 3 -18.56 5.67 26.23
C VAL A 3 -18.53 6.24 24.82
N ARG A 4 -17.85 5.52 23.94
CA ARG A 4 -17.70 5.89 22.54
C ARG A 4 -18.90 5.42 21.74
N ILE A 5 -19.46 6.33 20.96
CA ILE A 5 -20.63 6.06 20.13
C ILE A 5 -20.31 6.49 18.72
N LYS A 6 -20.55 5.59 17.77
CA LYS A 6 -20.28 5.90 16.38
C LYS A 6 -21.55 5.92 15.54
N ASN A 7 -21.54 6.78 14.53
CA ASN A 7 -22.64 6.87 13.61
C ASN A 7 -22.17 6.18 12.33
N TRP A 8 -22.64 4.96 12.10
CA TRP A 8 -22.27 4.18 10.92
C TRP A 8 -22.65 4.80 9.59
N GLY A 9 -23.27 5.98 9.64
CA GLY A 9 -23.65 6.67 8.42
C GLY A 9 -22.54 7.64 8.02
N SER A 10 -22.36 8.68 8.83
CA SER A 10 -21.33 9.69 8.60
C SER A 10 -19.98 9.23 9.12
N GLY A 11 -19.97 8.11 9.84
CA GLY A 11 -18.75 7.56 10.41
C GLY A 11 -18.24 8.37 11.59
N GLU A 12 -19.02 9.37 11.99
CA GLU A 12 -18.65 10.25 13.10
C GLU A 12 -18.70 9.55 14.46
N ILE A 13 -17.70 9.86 15.28
CA ILE A 13 -17.57 9.28 16.60
C ILE A 13 -17.89 10.32 17.69
N LEU A 14 -18.63 9.87 18.72
CA LEU A 14 -19.01 10.74 19.83
C LEU A 14 -18.68 10.09 21.17
N HIS A 15 -18.44 10.92 22.18
CA HIS A 15 -18.11 10.43 23.51
C HIS A 15 -19.21 10.82 24.50
N ASP A 16 -19.93 9.83 25.01
CA ASP A 16 -21.02 10.06 25.94
C ASP A 16 -20.51 10.18 27.38
N THR A 17 -20.74 11.33 27.99
CA THR A 17 -20.30 11.58 29.35
C THR A 17 -21.49 11.50 30.31
N LEU A 18 -22.64 12.00 29.85
CA LEU A 18 -23.88 12.03 30.63
C LEU A 18 -24.31 10.76 31.33
N HIS A 19 -24.08 9.61 30.70
CA HIS A 19 -24.50 8.32 31.27
C HIS A 19 -24.16 8.15 32.75
N HIS A 20 -23.11 8.83 33.21
CA HIS A 20 -22.71 8.74 34.62
C HIS A 20 -23.78 9.25 35.57
N LYS A 21 -24.51 10.29 35.14
CA LYS A 21 -25.58 10.89 35.94
C LYS A 21 -26.85 10.04 35.89
N ALA A 22 -26.70 8.79 35.47
CA ALA A 22 -27.81 7.85 35.37
C ALA A 22 -28.41 7.50 36.72
N THR A 23 -29.54 6.82 36.68
CA THR A 23 -30.30 6.43 37.87
C THR A 23 -29.96 5.07 38.51
N SER A 24 -30.30 4.97 39.80
CA SER A 24 -30.09 3.78 40.62
C SER A 24 -31.06 2.63 40.25
N ASP A 25 -31.49 2.58 38.99
CA ASP A 25 -32.41 1.55 38.50
C ASP A 25 -31.72 0.19 38.37
N SER A 32 -28.91 1.75 31.16
CA SER A 32 -27.78 1.98 30.26
C SER A 32 -27.64 0.82 29.28
N CYS A 33 -28.71 0.56 28.52
CA CYS A 33 -28.71 -0.51 27.54
C CYS A 33 -27.74 -0.24 26.39
N LEU A 34 -26.83 -1.20 26.16
CA LEU A 34 -25.82 -1.15 25.10
C LEU A 34 -26.43 -1.64 23.78
N GLY A 35 -27.69 -2.09 23.84
CA GLY A 35 -28.42 -2.61 22.69
C GLY A 35 -28.16 -2.00 21.32
N SER A 36 -28.09 -0.66 21.25
CA SER A 36 -27.86 0.03 19.99
C SER A 36 -26.48 -0.20 19.37
N ILE A 37 -25.47 -0.41 20.20
CA ILE A 37 -24.10 -0.64 19.75
C ILE A 37 -23.96 -1.84 18.80
N MET A 38 -23.21 -1.65 17.73
CA MET A 38 -22.98 -2.68 16.72
C MET A 38 -22.02 -3.78 17.14
N ASN A 39 -20.78 -3.39 17.45
CA ASN A 39 -19.73 -4.32 17.87
C ASN A 39 -19.32 -4.14 19.34
N PRO A 40 -20.12 -4.67 20.28
CA PRO A 40 -19.74 -4.52 21.69
C PRO A 40 -18.67 -5.55 22.03
N LYS A 41 -17.94 -5.34 23.12
CA LYS A 41 -16.92 -6.32 23.51
C LYS A 41 -17.60 -7.62 23.96
N SER A 42 -18.81 -7.48 24.48
CA SER A 42 -19.59 -8.63 24.97
C SER A 42 -20.04 -9.59 23.87
N LEU A 43 -19.83 -9.20 22.62
CA LEU A 43 -20.21 -10.03 21.48
C LEU A 43 -18.98 -10.44 20.65
N THR A 44 -17.80 -10.07 21.14
CA THR A 44 -16.52 -10.34 20.49
C THR A 44 -15.66 -11.32 21.28
N ARG A 45 -14.83 -12.06 20.56
CA ARG A 45 -13.90 -13.03 21.16
C ARG A 45 -12.55 -12.83 20.48
N GLY A 46 -11.67 -12.05 21.12
CA GLY A 46 -10.36 -11.73 20.56
C GLY A 46 -9.25 -12.76 20.56
N PRO A 47 -8.00 -12.33 20.30
CA PRO A 47 -6.77 -13.13 20.23
C PRO A 47 -6.39 -13.85 21.53
N ARG A 48 -5.15 -14.35 21.55
CA ARG A 48 -4.58 -15.06 22.69
C ARG A 48 -3.07 -15.15 22.57
N ASP A 49 -2.46 -15.90 23.50
CA ASP A 49 -1.01 -16.11 23.56
C ASP A 49 -0.74 -17.41 24.28
N LYS A 50 -1.75 -17.89 24.96
CA LYS A 50 -1.67 -19.13 25.72
C LYS A 50 -2.94 -19.93 25.47
N PRO A 51 -2.88 -21.25 25.63
CA PRO A 51 -4.04 -22.11 25.41
C PRO A 51 -5.14 -21.79 26.43
N THR A 52 -6.21 -22.56 26.40
CA THR A 52 -7.32 -22.39 27.33
C THR A 52 -7.02 -23.15 28.63
N PRO A 53 -6.80 -22.42 29.74
CA PRO A 53 -6.51 -23.06 31.03
C PRO A 53 -7.47 -24.19 31.34
N LEU A 54 -6.89 -25.37 31.58
CA LEU A 54 -7.62 -26.62 31.87
C LEU A 54 -8.89 -26.51 32.69
N GLU A 55 -8.77 -25.91 33.87
CA GLU A 55 -9.88 -25.71 34.81
C GLU A 55 -11.11 -25.05 34.19
N GLU A 56 -10.90 -24.28 33.12
CA GLU A 56 -11.99 -23.62 32.42
C GLU A 56 -12.42 -24.53 31.30
N LEU A 57 -11.44 -24.94 30.50
CA LEU A 57 -11.66 -25.81 29.37
C LEU A 57 -12.46 -27.05 29.77
N LEU A 58 -12.15 -27.60 30.93
CA LEU A 58 -12.81 -28.81 31.41
C LEU A 58 -14.33 -28.70 31.64
N PRO A 59 -14.79 -27.80 32.52
CA PRO A 59 -16.23 -27.64 32.78
C PRO A 59 -17.02 -27.33 31.51
N HIS A 60 -16.49 -26.42 30.69
CA HIS A 60 -17.13 -26.03 29.43
C HIS A 60 -17.32 -27.28 28.58
N ALA A 61 -16.25 -28.07 28.51
CA ALA A 61 -16.25 -29.30 27.75
C ALA A 61 -17.33 -30.24 28.26
N ILE A 62 -17.31 -30.53 29.57
CA ILE A 62 -18.30 -31.43 30.18
C ILE A 62 -19.70 -30.91 29.90
N GLU A 63 -19.91 -29.62 30.14
CA GLU A 63 -21.21 -28.98 29.91
C GLU A 63 -21.66 -29.27 28.50
N PHE A 64 -20.78 -28.97 27.54
CA PHE A 64 -21.08 -29.21 26.14
C PHE A 64 -21.49 -30.66 25.88
N ILE A 65 -20.65 -31.59 26.30
CA ILE A 65 -20.93 -33.01 26.10
C ILE A 65 -22.27 -33.39 26.72
N ASN A 66 -22.61 -32.75 27.83
CA ASN A 66 -23.87 -33.01 28.51
C ASN A 66 -25.03 -32.50 27.66
N GLN A 67 -24.80 -31.37 27.01
CA GLN A 67 -25.78 -30.74 26.13
C GLN A 67 -26.09 -31.72 24.98
N TYR A 68 -25.03 -32.10 24.27
CA TYR A 68 -25.07 -33.03 23.15
C TYR A 68 -25.82 -34.31 23.48
N TYR A 69 -25.35 -35.03 24.49
CA TYR A 69 -25.97 -36.29 24.89
C TYR A 69 -27.35 -36.14 25.50
N GLY A 70 -27.64 -34.95 26.03
CA GLY A 70 -28.94 -34.70 26.63
C GLY A 70 -29.95 -34.49 25.51
N SER A 71 -29.45 -34.38 24.29
CA SER A 71 -30.26 -34.14 23.11
C SER A 71 -31.14 -35.31 22.63
N PHE A 72 -30.52 -36.26 21.94
CA PHE A 72 -31.22 -37.41 21.36
C PHE A 72 -32.29 -38.07 22.23
N LYS A 73 -33.38 -38.50 21.58
CA LYS A 73 -34.46 -39.23 22.26
C LYS A 73 -33.77 -40.52 22.71
N GLU A 74 -34.03 -40.96 23.94
CA GLU A 74 -33.38 -42.14 24.52
C GLU A 74 -31.86 -42.01 24.39
N ALA A 75 -31.28 -41.32 25.37
CA ALA A 75 -29.84 -41.04 25.43
C ALA A 75 -28.96 -42.28 25.53
N LYS A 76 -27.73 -42.13 25.06
CA LYS A 76 -26.75 -43.22 25.08
C LYS A 76 -25.86 -42.98 26.31
N ILE A 77 -26.47 -43.14 27.47
CA ILE A 77 -25.85 -42.95 28.79
C ILE A 77 -24.43 -43.51 28.90
N GLU A 78 -24.25 -44.74 28.45
CA GLU A 78 -22.97 -45.42 28.48
C GLU A 78 -21.92 -44.62 27.71
N GLU A 79 -22.24 -44.29 26.46
CA GLU A 79 -21.36 -43.50 25.60
C GLU A 79 -21.19 -42.10 26.17
N HIS A 80 -22.26 -41.59 26.77
CA HIS A 80 -22.28 -40.27 27.38
C HIS A 80 -21.14 -40.24 28.40
N LEU A 81 -21.23 -41.14 29.37
CA LEU A 81 -20.24 -41.29 30.43
C LEU A 81 -18.88 -41.55 29.78
N ALA A 82 -18.87 -42.51 28.86
CA ALA A 82 -17.65 -42.87 28.14
C ALA A 82 -16.99 -41.67 27.48
N ARG A 83 -17.77 -40.90 26.74
CA ARG A 83 -17.27 -39.73 26.05
C ARG A 83 -16.79 -38.69 27.04
N LEU A 84 -17.56 -38.47 28.10
CA LEU A 84 -17.17 -37.51 29.14
C LEU A 84 -15.77 -37.90 29.58
N GLU A 85 -15.68 -39.15 30.02
CA GLU A 85 -14.44 -39.76 30.50
C GLU A 85 -13.34 -39.63 29.44
N ALA A 86 -13.66 -40.07 28.23
CA ALA A 86 -12.74 -40.04 27.09
C ALA A 86 -12.22 -38.64 26.80
N VAL A 87 -13.10 -37.65 26.89
CA VAL A 87 -12.72 -36.28 26.64
C VAL A 87 -11.87 -35.78 27.79
N THR A 88 -12.35 -36.02 29.00
CA THR A 88 -11.65 -35.61 30.23
C THR A 88 -10.20 -36.05 30.08
N LYS A 89 -10.05 -37.33 29.76
CA LYS A 89 -8.75 -37.96 29.55
C LYS A 89 -7.98 -37.21 28.48
N GLU A 90 -8.55 -37.17 27.27
CA GLU A 90 -7.95 -36.48 26.13
C GLU A 90 -7.53 -35.06 26.49
N ILE A 91 -8.34 -34.41 27.33
CA ILE A 91 -8.07 -33.06 27.77
C ILE A 91 -6.80 -33.02 28.62
N GLU A 92 -6.76 -33.82 29.68
CA GLU A 92 -5.58 -33.82 30.53
C GLU A 92 -4.30 -34.29 29.81
N THR A 93 -4.49 -35.07 28.75
CA THR A 93 -3.37 -35.61 27.97
C THR A 93 -2.77 -34.67 26.92
N THR A 94 -3.64 -34.00 26.17
CA THR A 94 -3.19 -33.10 25.10
C THR A 94 -3.30 -31.64 25.47
N GLY A 95 -4.32 -31.35 26.27
CA GLY A 95 -4.59 -29.98 26.69
C GLY A 95 -5.97 -29.75 26.10
N THR A 96 -6.00 -29.50 24.79
CA THR A 96 -7.24 -29.29 24.07
C THR A 96 -7.87 -30.65 23.77
N TYR A 97 -8.93 -30.68 22.97
CA TYR A 97 -9.57 -31.93 22.59
C TYR A 97 -10.29 -31.82 21.24
N GLN A 98 -10.59 -32.98 20.65
CA GLN A 98 -11.27 -33.04 19.36
C GLN A 98 -12.71 -33.52 19.50
N LEU A 99 -13.58 -32.91 18.70
CA LEU A 99 -15.00 -33.23 18.69
C LEU A 99 -15.37 -34.32 17.70
N THR A 100 -16.27 -35.22 18.07
CA THR A 100 -16.71 -36.27 17.15
C THR A 100 -17.44 -35.49 16.06
N LEU A 101 -17.30 -35.90 14.80
CA LEU A 101 -17.94 -35.16 13.72
C LEU A 101 -19.37 -34.77 14.06
N ASP A 102 -20.16 -35.76 14.49
CA ASP A 102 -21.55 -35.54 14.85
C ASP A 102 -21.68 -34.45 15.90
N GLU A 103 -20.65 -34.29 16.73
CA GLU A 103 -20.64 -33.26 17.76
C GLU A 103 -20.54 -31.88 17.12
N LEU A 104 -19.66 -31.76 16.14
CA LEU A 104 -19.48 -30.49 15.44
C LEU A 104 -20.78 -30.09 14.77
N ILE A 105 -21.38 -31.03 14.05
CA ILE A 105 -22.65 -30.80 13.37
C ILE A 105 -23.59 -30.16 14.38
N PHE A 106 -23.77 -30.84 15.51
CA PHE A 106 -24.62 -30.36 16.57
C PHE A 106 -24.16 -28.98 17.06
N ALA A 107 -22.85 -28.78 17.16
CA ALA A 107 -22.30 -27.51 17.61
C ALA A 107 -22.71 -26.34 16.72
N THR A 108 -22.36 -26.43 15.44
CA THR A 108 -22.69 -25.38 14.46
C THR A 108 -24.19 -25.06 14.40
N LYS A 109 -25.03 -26.09 14.39
CA LYS A 109 -26.48 -25.92 14.36
C LYS A 109 -26.97 -25.16 15.59
N MET A 110 -26.44 -25.51 16.76
CA MET A 110 -26.82 -24.82 18.00
C MET A 110 -26.26 -23.40 18.00
N ALA A 111 -25.02 -23.23 17.57
CA ALA A 111 -24.39 -21.91 17.50
C ALA A 111 -25.21 -20.98 16.62
N TRP A 112 -25.74 -21.51 15.51
CA TRP A 112 -26.59 -20.74 14.60
C TRP A 112 -27.89 -20.50 15.37
N ARG A 113 -28.43 -21.59 15.94
CA ARG A 113 -29.65 -21.55 16.73
C ARG A 113 -29.53 -20.49 17.85
N ASN A 114 -28.30 -20.20 18.28
CA ASN A 114 -28.04 -19.21 19.33
C ASN A 114 -27.63 -17.84 18.84
N ALA A 115 -27.63 -17.62 17.52
CA ALA A 115 -27.24 -16.33 16.96
C ALA A 115 -28.44 -15.37 17.02
N PRO A 116 -28.47 -14.47 18.01
CA PRO A 116 -29.55 -13.50 18.21
C PRO A 116 -29.81 -12.49 17.10
N ARG A 117 -28.89 -12.36 16.15
CA ARG A 117 -29.05 -11.39 15.07
C ARG A 117 -29.47 -11.96 13.71
N CYS A 118 -29.85 -13.24 13.68
CA CYS A 118 -30.26 -13.93 12.44
C CYS A 118 -31.75 -14.29 12.42
N ILE A 119 -32.43 -13.93 11.33
CA ILE A 119 -33.86 -14.21 11.17
C ILE A 119 -34.11 -15.55 10.52
N GLY A 120 -33.10 -16.09 9.84
CA GLY A 120 -33.25 -17.36 9.16
C GLY A 120 -33.20 -18.60 10.02
N ARG A 121 -33.05 -18.42 11.33
CA ARG A 121 -32.93 -19.54 12.27
C ARG A 121 -34.01 -20.63 12.29
N ILE A 122 -35.07 -20.52 11.48
CA ILE A 122 -36.06 -21.60 11.48
C ILE A 122 -35.49 -22.74 10.65
N GLN A 123 -34.42 -22.43 9.93
CA GLN A 123 -33.71 -23.38 9.07
C GLN A 123 -32.51 -23.98 9.80
N TRP A 124 -32.37 -23.66 11.09
CA TRP A 124 -31.27 -24.15 11.91
C TRP A 124 -30.93 -25.62 11.72
N SER A 125 -31.95 -26.47 11.60
CA SER A 125 -31.72 -27.90 11.43
C SER A 125 -31.29 -28.33 10.01
N ASN A 126 -31.45 -27.46 9.03
CA ASN A 126 -31.05 -27.77 7.65
C ASN A 126 -29.71 -27.11 7.32
N LEU A 127 -28.63 -27.64 7.88
CA LEU A 127 -27.31 -27.07 7.63
C LEU A 127 -26.28 -28.12 7.24
N GLN A 128 -25.42 -27.75 6.29
CA GLN A 128 -24.36 -28.61 5.82
C GLN A 128 -23.02 -28.17 6.40
N VAL A 129 -22.32 -29.13 7.00
CA VAL A 129 -21.05 -28.90 7.66
C VAL A 129 -19.88 -29.52 6.92
N PHE A 130 -18.88 -28.69 6.64
CA PHE A 130 -17.68 -29.16 5.96
C PHE A 130 -16.51 -29.17 6.93
N ASP A 131 -16.09 -30.38 7.27
CA ASP A 131 -14.99 -30.61 8.20
C ASP A 131 -13.63 -30.33 7.58
N ALA A 132 -13.08 -29.15 7.86
CA ALA A 132 -11.78 -28.76 7.34
C ALA A 132 -10.80 -28.62 8.50
N ARG A 133 -11.07 -29.34 9.58
CA ARG A 133 -10.24 -29.30 10.78
C ARG A 133 -8.84 -29.89 10.59
N ASN A 134 -8.70 -30.80 9.62
CA ASN A 134 -7.41 -31.42 9.33
C ASN A 134 -6.60 -30.60 8.32
N CYS A 135 -7.14 -29.45 7.93
CA CYS A 135 -6.47 -28.55 6.99
C CYS A 135 -5.18 -28.02 7.61
N SER A 136 -4.29 -27.50 6.78
CA SER A 136 -3.02 -26.96 7.27
C SER A 136 -2.34 -25.88 6.41
N THR A 137 -2.87 -25.63 5.22
CA THR A 137 -2.30 -24.60 4.34
C THR A 137 -3.36 -23.63 3.81
N ALA A 138 -2.93 -22.43 3.42
CA ALA A 138 -3.84 -21.42 2.87
C ALA A 138 -4.44 -21.95 1.58
N GLN A 139 -3.58 -22.49 0.72
CA GLN A 139 -3.99 -23.06 -0.54
C GLN A 139 -5.09 -24.11 -0.30
N GLU A 140 -4.91 -24.90 0.75
CA GLU A 140 -5.86 -25.94 1.12
C GLU A 140 -7.16 -25.32 1.62
N MET A 141 -7.05 -24.15 2.22
CA MET A 141 -8.23 -23.44 2.70
C MET A 141 -9.02 -23.07 1.47
N PHE A 142 -8.34 -22.34 0.58
CA PHE A 142 -8.87 -21.87 -0.68
C PHE A 142 -9.70 -22.95 -1.39
N GLN A 143 -9.19 -24.17 -1.40
CA GLN A 143 -9.87 -25.28 -2.03
C GLN A 143 -11.19 -25.62 -1.31
N HIS A 144 -11.13 -25.70 0.02
CA HIS A 144 -12.33 -25.98 0.82
C HIS A 144 -13.37 -24.88 0.59
N ILE A 145 -12.89 -23.63 0.55
CA ILE A 145 -13.75 -22.48 0.33
C ILE A 145 -14.48 -22.56 -1.01
N CYS A 146 -13.75 -22.89 -2.07
CA CYS A 146 -14.34 -23.04 -3.38
C CYS A 146 -15.38 -24.16 -3.33
N ARG A 147 -15.02 -25.29 -2.71
CA ARG A 147 -15.95 -26.42 -2.56
C ARG A 147 -17.19 -25.89 -1.86
N HIS A 148 -16.98 -24.96 -0.93
CA HIS A 148 -18.07 -24.37 -0.18
C HIS A 148 -18.95 -23.55 -1.11
N ILE A 149 -18.33 -22.52 -1.70
CA ILE A 149 -19.02 -21.62 -2.61
C ILE A 149 -19.79 -22.38 -3.67
N LEU A 150 -19.15 -23.40 -4.25
CA LEU A 150 -19.78 -24.21 -5.28
C LEU A 150 -21.02 -24.92 -4.73
N TYR A 151 -20.83 -25.61 -3.60
CA TYR A 151 -21.92 -26.36 -2.97
C TYR A 151 -23.05 -25.44 -2.56
N ALA A 152 -22.69 -24.34 -1.89
CA ALA A 152 -23.66 -23.36 -1.41
C ALA A 152 -24.52 -22.84 -2.55
N THR A 153 -23.84 -22.30 -3.58
CA THR A 153 -24.49 -21.73 -4.75
C THR A 153 -25.48 -22.69 -5.38
N ASN A 154 -25.05 -23.92 -5.61
CA ASN A 154 -25.88 -24.96 -6.20
C ASN A 154 -26.66 -24.45 -7.41
N ASN A 155 -26.01 -23.59 -8.19
CA ASN A 155 -26.61 -23.00 -9.38
C ASN A 155 -27.96 -22.32 -9.10
N GLY A 156 -27.99 -21.43 -8.11
CA GLY A 156 -29.21 -20.73 -7.78
C GLY A 156 -30.03 -21.26 -6.62
N ASN A 157 -30.21 -22.58 -6.53
CA ASN A 157 -30.98 -23.17 -5.42
C ASN A 157 -30.05 -23.22 -4.20
N ILE A 158 -29.72 -22.03 -3.69
CA ILE A 158 -28.84 -21.84 -2.55
C ILE A 158 -29.07 -22.79 -1.38
N ARG A 159 -27.95 -23.28 -0.84
CA ARG A 159 -27.96 -24.21 0.29
C ARG A 159 -27.12 -23.67 1.44
N SER A 160 -27.67 -23.75 2.65
CA SER A 160 -26.99 -23.29 3.86
C SER A 160 -25.87 -24.27 4.20
N ALA A 161 -24.68 -23.73 4.43
CA ALA A 161 -23.54 -24.57 4.76
C ALA A 161 -22.48 -23.81 5.51
N ILE A 162 -21.63 -24.54 6.21
CA ILE A 162 -20.54 -23.94 6.94
C ILE A 162 -19.34 -24.86 6.87
N THR A 163 -18.18 -24.28 6.59
CA THR A 163 -16.96 -25.05 6.53
C THR A 163 -16.09 -24.69 7.73
N VAL A 164 -15.90 -25.66 8.62
CA VAL A 164 -15.12 -25.49 9.84
C VAL A 164 -13.65 -25.81 9.71
N PHE A 165 -12.82 -24.77 9.80
CA PHE A 165 -11.38 -24.94 9.73
C PHE A 165 -10.82 -25.32 11.11
N PRO A 166 -9.50 -25.58 11.21
CA PRO A 166 -8.88 -25.97 12.48
C PRO A 166 -9.17 -25.05 13.67
N GLN A 167 -9.39 -25.68 14.82
CA GLN A 167 -9.68 -24.98 16.07
C GLN A 167 -8.47 -24.22 16.59
N ARG A 168 -8.69 -23.47 17.66
CA ARG A 168 -7.61 -22.70 18.26
C ARG A 168 -6.72 -23.61 19.09
N SER A 169 -5.42 -23.46 18.90
CA SER A 169 -4.45 -24.25 19.62
C SER A 169 -3.91 -23.40 20.77
N ASP A 170 -2.82 -22.68 20.51
CA ASP A 170 -2.20 -21.84 21.51
C ASP A 170 -2.79 -20.44 21.48
N GLY A 171 -3.00 -19.91 20.28
CA GLY A 171 -3.52 -18.57 20.12
C GLY A 171 -2.68 -17.77 19.15
N LYS A 172 -1.64 -18.41 18.61
CA LYS A 172 -0.76 -17.77 17.64
C LYS A 172 -0.70 -18.66 16.39
N HIS A 173 -1.53 -19.70 16.39
CA HIS A 173 -1.63 -20.65 15.27
C HIS A 173 -3.08 -20.71 14.79
N ASP A 174 -3.66 -19.52 14.60
CA ASP A 174 -5.05 -19.36 14.17
C ASP A 174 -5.26 -19.28 12.65
N PHE A 175 -6.29 -19.97 12.18
CA PHE A 175 -6.67 -19.96 10.77
C PHE A 175 -7.68 -18.81 10.67
N ARG A 176 -7.46 -17.86 9.76
CA ARG A 176 -8.37 -16.71 9.65
C ARG A 176 -8.64 -16.19 8.25
N LEU A 177 -9.91 -15.95 7.93
CA LEU A 177 -10.31 -15.38 6.65
C LEU A 177 -10.42 -13.88 6.94
N TRP A 178 -9.61 -13.09 6.25
CA TRP A 178 -9.61 -11.64 6.48
C TRP A 178 -10.80 -10.88 5.91
N ASN A 179 -11.49 -11.50 4.96
CA ASN A 179 -12.64 -10.89 4.30
C ASN A 179 -13.86 -10.81 5.22
N SER A 180 -14.79 -9.93 4.88
CA SER A 180 -16.03 -9.74 5.65
C SER A 180 -16.86 -10.99 5.42
N GLN A 181 -17.08 -11.27 4.15
CA GLN A 181 -17.83 -12.43 3.74
C GLN A 181 -17.15 -13.04 2.54
N LEU A 182 -17.48 -14.29 2.21
CA LEU A 182 -16.86 -14.99 1.08
C LEU A 182 -16.79 -14.14 -0.18
N ILE A 183 -17.95 -13.76 -0.71
CA ILE A 183 -18.02 -12.94 -1.90
C ILE A 183 -18.38 -11.53 -1.48
N ARG A 184 -17.68 -10.56 -2.03
CA ARG A 184 -17.92 -9.18 -1.64
C ARG A 184 -17.21 -8.24 -2.64
N TYR A 185 -17.96 -7.31 -3.23
CA TYR A 185 -17.40 -6.38 -4.20
C TYR A 185 -16.39 -5.43 -3.58
N ALA A 186 -15.53 -4.88 -4.44
CA ALA A 186 -14.49 -3.96 -4.03
C ALA A 186 -14.90 -2.50 -4.08
N GLY A 187 -14.16 -1.66 -3.37
CA GLY A 187 -14.41 -0.24 -3.34
C GLY A 187 -13.10 0.52 -3.51
N TYR A 188 -13.05 1.43 -4.48
CA TYR A 188 -11.84 2.19 -4.75
C TYR A 188 -12.10 3.69 -4.68
N GLN A 189 -11.26 4.43 -3.94
CA GLN A 189 -11.42 5.88 -3.89
C GLN A 189 -10.73 6.44 -5.12
N MET A 190 -11.53 6.70 -6.14
CA MET A 190 -11.06 7.20 -7.42
C MET A 190 -10.39 8.58 -7.44
N PRO A 191 -9.65 8.88 -8.54
CA PRO A 191 -8.92 10.13 -8.80
C PRO A 191 -9.78 11.39 -8.79
N ASP A 192 -10.95 11.31 -9.41
CA ASP A 192 -11.87 12.45 -9.46
C ASP A 192 -12.63 12.69 -8.15
N GLY A 193 -12.06 12.18 -7.04
CA GLY A 193 -12.66 12.36 -5.72
C GLY A 193 -13.81 11.42 -5.40
N THR A 194 -14.41 10.82 -6.42
CA THR A 194 -15.54 9.91 -6.22
C THR A 194 -15.15 8.60 -5.56
N ILE A 195 -16.10 7.68 -5.54
CA ILE A 195 -15.92 6.36 -4.95
C ILE A 195 -16.72 5.35 -5.76
N ARG A 196 -16.03 4.39 -6.38
CA ARG A 196 -16.70 3.36 -7.17
C ARG A 196 -16.72 2.03 -6.44
N GLY A 197 -17.83 1.29 -6.63
CA GLY A 197 -17.99 0.01 -5.99
C GLY A 197 -18.63 0.11 -4.62
N ASP A 198 -18.30 -0.86 -3.77
CA ASP A 198 -18.83 -0.94 -2.41
C ASP A 198 -17.91 -0.19 -1.46
N ALA A 199 -18.33 1.00 -1.04
CA ALA A 199 -17.53 1.82 -0.13
C ALA A 199 -17.23 1.14 1.22
N ALA A 200 -18.04 0.16 1.59
CA ALA A 200 -17.85 -0.56 2.84
C ALA A 200 -16.51 -1.30 2.86
N THR A 201 -16.16 -1.88 1.71
CA THR A 201 -14.91 -2.62 1.55
C THR A 201 -13.82 -1.70 0.98
N LEU A 202 -13.63 -0.54 1.60
CA LEU A 202 -12.63 0.41 1.12
C LEU A 202 -11.25 0.16 1.71
N GLU A 203 -11.19 0.07 3.04
CA GLU A 203 -9.92 -0.17 3.73
C GLU A 203 -9.40 -1.54 3.31
N PHE A 204 -10.25 -2.56 3.41
CA PHE A 204 -9.88 -3.92 3.03
C PHE A 204 -9.35 -4.02 1.60
N THR A 205 -10.00 -3.31 0.67
CA THR A 205 -9.56 -3.32 -0.74
C THR A 205 -8.12 -2.88 -0.82
N GLN A 206 -7.81 -1.73 -0.23
CA GLN A 206 -6.45 -1.19 -0.22
C GLN A 206 -5.50 -2.27 0.25
N LEU A 207 -5.94 -3.06 1.24
CA LEU A 207 -5.12 -4.14 1.79
C LEU A 207 -4.78 -5.12 0.68
N CYS A 208 -5.80 -5.58 -0.04
CA CYS A 208 -5.60 -6.50 -1.14
C CYS A 208 -4.61 -5.89 -2.12
N ILE A 209 -4.75 -4.58 -2.36
CA ILE A 209 -3.86 -3.86 -3.26
C ILE A 209 -2.41 -3.93 -2.77
N ASP A 210 -2.23 -3.67 -1.47
CA ASP A 210 -0.90 -3.69 -0.85
C ASP A 210 -0.26 -5.06 -0.99
N LEU A 211 -1.08 -6.11 -0.90
CA LEU A 211 -0.61 -7.48 -1.03
C LEU A 211 -0.52 -7.85 -2.52
N GLY A 212 -0.30 -6.82 -3.35
CA GLY A 212 -0.17 -7.00 -4.79
C GLY A 212 -1.39 -7.50 -5.55
N TRP A 213 -2.57 -7.03 -5.21
CA TRP A 213 -3.77 -7.47 -5.92
C TRP A 213 -4.00 -6.56 -7.11
N LYS A 214 -4.45 -7.15 -8.21
CA LYS A 214 -4.72 -6.43 -9.45
C LYS A 214 -6.07 -5.70 -9.40
N PRO A 215 -6.03 -4.37 -9.18
CA PRO A 215 -7.22 -3.50 -9.09
C PRO A 215 -7.95 -3.40 -10.44
N ARG A 216 -9.12 -4.03 -10.51
CA ARG A 216 -9.91 -4.03 -11.73
C ARG A 216 -10.78 -2.79 -11.91
N TYR A 217 -10.68 -1.85 -10.97
CA TYR A 217 -11.39 -0.56 -10.97
C TYR A 217 -12.82 -0.47 -11.52
N GLY A 218 -13.73 -1.26 -10.95
CA GLY A 218 -15.11 -1.24 -11.41
C GLY A 218 -16.08 -1.09 -10.25
N ARG A 219 -17.36 -1.26 -10.52
CA ARG A 219 -18.40 -1.13 -9.50
C ARG A 219 -18.77 -2.49 -8.92
N PHE A 220 -18.39 -3.55 -9.60
CA PHE A 220 -18.71 -4.89 -9.14
C PHE A 220 -17.55 -5.86 -9.33
N ASP A 221 -16.45 -5.58 -8.66
CA ASP A 221 -15.29 -6.45 -8.75
C ASP A 221 -15.21 -7.28 -7.50
N VAL A 222 -15.54 -8.57 -7.65
CA VAL A 222 -15.49 -9.51 -6.53
C VAL A 222 -14.09 -9.57 -5.97
N LEU A 223 -13.95 -9.22 -4.70
CA LEU A 223 -12.66 -9.21 -4.01
C LEU A 223 -12.02 -10.57 -3.86
N PRO A 224 -10.67 -10.60 -3.71
CA PRO A 224 -9.91 -11.83 -3.55
C PRO A 224 -10.00 -12.34 -2.13
N LEU A 225 -9.88 -13.65 -1.99
CA LEU A 225 -9.89 -14.31 -0.70
C LEU A 225 -8.55 -14.13 0.00
N VAL A 226 -8.53 -13.38 1.11
CA VAL A 226 -7.31 -13.18 1.87
C VAL A 226 -7.30 -14.20 2.98
N LEU A 227 -6.49 -15.24 2.82
CA LEU A 227 -6.43 -16.32 3.79
C LEU A 227 -5.11 -16.42 4.55
N GLN A 228 -5.19 -16.89 5.81
CA GLN A 228 -4.00 -17.08 6.65
C GLN A 228 -4.14 -18.39 7.41
N ALA A 229 -3.17 -19.29 7.26
CA ALA A 229 -3.19 -20.60 7.95
C ALA A 229 -2.22 -20.64 9.11
N ASP A 230 -2.46 -21.55 10.05
CA ASP A 230 -1.63 -21.70 11.26
C ASP A 230 -1.38 -20.30 11.81
N GLY A 231 -0.19 -19.78 11.58
CA GLY A 231 0.10 -18.45 12.05
C GLY A 231 0.63 -17.62 10.89
N GLN A 232 1.11 -18.32 9.86
CA GLN A 232 1.68 -17.70 8.68
C GLN A 232 0.82 -16.61 8.07
N ASP A 233 1.49 -15.61 7.52
CA ASP A 233 0.89 -14.45 6.87
C ASP A 233 -0.19 -14.79 5.85
N PRO A 234 -1.01 -13.81 5.47
CA PRO A 234 -2.09 -13.98 4.50
C PRO A 234 -1.65 -14.16 3.04
N GLU A 235 -2.09 -15.27 2.44
CA GLU A 235 -1.81 -15.57 1.04
C GLU A 235 -3.04 -15.15 0.26
N VAL A 236 -2.84 -14.25 -0.70
CA VAL A 236 -3.94 -13.75 -1.52
C VAL A 236 -4.33 -14.76 -2.60
N PHE A 237 -5.63 -15.04 -2.70
CA PHE A 237 -6.17 -15.97 -3.69
C PHE A 237 -7.42 -15.37 -4.35
N GLU A 238 -7.39 -15.21 -5.66
CA GLU A 238 -8.53 -14.65 -6.39
C GLU A 238 -9.59 -15.72 -6.67
N ILE A 239 -10.85 -15.37 -6.45
CA ILE A 239 -11.97 -16.31 -6.66
C ILE A 239 -12.27 -16.57 -8.14
N PRO A 240 -12.46 -17.85 -8.50
CA PRO A 240 -12.77 -18.23 -9.88
C PRO A 240 -14.16 -17.72 -10.25
N PRO A 241 -14.21 -16.78 -11.21
CA PRO A 241 -15.44 -16.16 -11.73
C PRO A 241 -16.55 -17.15 -12.08
N ASP A 242 -16.19 -18.38 -12.43
CA ASP A 242 -17.21 -19.38 -12.75
C ASP A 242 -17.96 -19.76 -11.49
N LEU A 243 -17.30 -19.55 -10.35
CA LEU A 243 -17.85 -19.87 -9.04
C LEU A 243 -18.76 -18.78 -8.49
N VAL A 244 -18.48 -17.54 -8.89
CA VAL A 244 -19.25 -16.39 -8.42
C VAL A 244 -20.52 -16.13 -9.24
N LEU A 245 -21.64 -16.64 -8.75
CA LEU A 245 -22.94 -16.44 -9.39
C LEU A 245 -23.49 -15.07 -8.99
N GLU A 246 -24.00 -14.32 -9.96
CA GLU A 246 -24.56 -12.99 -9.70
C GLU A 246 -25.95 -12.85 -10.32
N VAL A 247 -26.67 -11.81 -9.88
CA VAL A 247 -28.01 -11.53 -10.40
C VAL A 247 -28.07 -10.10 -10.91
N THR A 248 -28.34 -9.94 -12.21
CA THR A 248 -28.45 -8.62 -12.80
C THR A 248 -29.83 -8.04 -12.47
N MET A 249 -29.83 -6.89 -11.82
CA MET A 249 -31.06 -6.23 -11.41
C MET A 249 -31.91 -5.64 -12.54
N GLU A 250 -33.19 -5.99 -12.53
CA GLU A 250 -34.14 -5.47 -13.51
C GLU A 250 -35.56 -5.47 -12.94
N HIS A 251 -36.18 -4.29 -12.98
CA HIS A 251 -37.54 -4.08 -12.49
C HIS A 251 -38.58 -4.66 -13.45
N PRO A 252 -39.67 -5.28 -12.91
CA PRO A 252 -40.73 -5.88 -13.71
C PRO A 252 -41.60 -4.92 -14.54
N LYS A 253 -41.47 -3.62 -14.29
CA LYS A 253 -42.25 -2.63 -15.03
C LYS A 253 -41.43 -1.44 -15.52
N TYR A 254 -40.39 -1.08 -14.79
CA TYR A 254 -39.54 0.04 -15.18
C TYR A 254 -38.35 -0.46 -16.01
N GLU A 255 -38.58 -0.69 -17.30
CA GLU A 255 -37.53 -1.18 -18.21
C GLU A 255 -36.22 -0.39 -18.18
N TRP A 256 -36.27 0.82 -17.62
CA TRP A 256 -35.09 1.67 -17.51
C TRP A 256 -34.23 1.29 -16.30
N PHE A 257 -34.76 0.40 -15.45
CA PHE A 257 -34.05 -0.02 -14.26
C PHE A 257 -32.78 -0.81 -14.56
N GLN A 258 -32.80 -1.60 -15.64
CA GLN A 258 -31.62 -2.37 -15.99
C GLN A 258 -30.54 -1.47 -16.58
N GLU A 259 -30.93 -0.26 -16.98
CA GLU A 259 -29.99 0.72 -17.53
C GLU A 259 -29.05 1.18 -16.43
N LEU A 260 -29.41 0.89 -15.19
CA LEU A 260 -28.60 1.25 -14.04
C LEU A 260 -27.36 0.35 -13.99
N GLY A 261 -27.40 -0.74 -14.75
CA GLY A 261 -26.29 -1.68 -14.80
C GLY A 261 -25.95 -2.21 -13.42
N LEU A 262 -27.00 -2.61 -12.70
CA LEU A 262 -26.87 -3.12 -11.35
C LEU A 262 -27.00 -4.63 -11.28
N LYS A 263 -26.31 -5.21 -10.31
CA LYS A 263 -26.32 -6.65 -10.08
C LYS A 263 -25.79 -6.87 -8.66
N TRP A 264 -25.83 -8.11 -8.19
CA TRP A 264 -25.33 -8.39 -6.87
C TRP A 264 -25.07 -9.87 -6.79
N TYR A 265 -24.13 -10.28 -5.93
CA TYR A 265 -23.84 -11.70 -5.78
C TYR A 265 -25.02 -12.41 -5.12
N ALA A 266 -25.19 -13.68 -5.48
CA ALA A 266 -26.29 -14.45 -4.95
C ALA A 266 -25.98 -15.11 -3.63
N LEU A 267 -24.71 -15.16 -3.26
CA LEU A 267 -24.30 -15.82 -2.04
C LEU A 267 -23.88 -14.97 -0.83
N PRO A 268 -24.69 -15.03 0.24
CA PRO A 268 -24.41 -14.29 1.47
C PRO A 268 -23.68 -15.29 2.36
N ALA A 269 -22.37 -15.12 2.46
CA ALA A 269 -21.58 -16.04 3.27
C ALA A 269 -20.64 -15.28 4.17
N VAL A 270 -21.01 -15.19 5.46
CA VAL A 270 -20.21 -14.48 6.46
C VAL A 270 -18.93 -15.26 6.71
N ALA A 271 -17.80 -14.57 6.56
CA ALA A 271 -16.48 -15.16 6.71
C ALA A 271 -15.75 -15.00 8.03
N ASN A 272 -15.57 -13.76 8.46
CA ASN A 272 -14.81 -13.46 9.67
C ASN A 272 -15.35 -13.77 11.09
N MET A 273 -16.26 -14.73 11.24
CA MET A 273 -16.75 -15.03 12.59
C MET A 273 -16.11 -16.21 13.32
N LEU A 274 -16.28 -16.25 14.64
CA LEU A 274 -15.69 -17.30 15.45
C LEU A 274 -16.71 -18.19 16.14
N LEU A 275 -16.53 -19.50 15.99
CA LEU A 275 -17.42 -20.47 16.61
C LEU A 275 -16.87 -20.95 17.94
N GLU A 276 -17.57 -20.61 19.02
CA GLU A 276 -17.17 -21.05 20.35
C GLU A 276 -18.05 -22.23 20.74
N VAL A 277 -17.43 -23.27 21.28
CA VAL A 277 -18.16 -24.45 21.71
C VAL A 277 -17.33 -25.26 22.70
N GLY A 278 -17.99 -25.74 23.76
CA GLY A 278 -17.33 -26.54 24.78
C GLY A 278 -15.92 -26.11 25.17
N GLY A 279 -15.69 -24.80 25.27
CA GLY A 279 -14.39 -24.29 25.64
C GLY A 279 -13.45 -24.02 24.49
N LEU A 280 -13.61 -24.77 23.41
CA LEU A 280 -12.79 -24.60 22.21
C LEU A 280 -13.33 -23.45 21.38
N GLU A 281 -12.51 -22.96 20.47
CA GLU A 281 -12.93 -21.86 19.60
C GLU A 281 -12.27 -21.93 18.22
N PHE A 282 -13.10 -21.86 17.18
CA PHE A 282 -12.63 -21.92 15.80
C PHE A 282 -12.73 -20.54 15.18
N PRO A 283 -11.61 -19.81 15.18
CA PRO A 283 -11.54 -18.45 14.61
C PRO A 283 -11.73 -18.34 13.10
N ALA A 284 -12.04 -19.47 12.46
CA ALA A 284 -12.28 -19.51 11.02
C ALA A 284 -13.29 -20.61 10.71
N CYS A 285 -14.47 -20.20 10.23
CA CYS A 285 -15.54 -21.15 9.90
C CYS A 285 -16.68 -20.44 9.17
N PRO A 286 -16.41 -19.92 7.96
CA PRO A 286 -17.43 -19.21 7.20
C PRO A 286 -18.67 -20.07 6.94
N PHE A 287 -19.82 -19.40 6.96
CA PHE A 287 -21.10 -20.05 6.74
C PHE A 287 -21.90 -19.20 5.79
N ASN A 288 -23.04 -19.74 5.35
CA ASN A 288 -23.91 -19.02 4.43
C ASN A 288 -25.34 -19.49 4.56
N GLY A 289 -26.25 -18.57 4.25
CA GLY A 289 -27.66 -18.87 4.26
C GLY A 289 -28.05 -18.41 2.88
N TRP A 290 -29.17 -17.71 2.78
CA TRP A 290 -29.60 -17.17 1.50
C TRP A 290 -30.20 -15.81 1.76
N TYR A 291 -29.95 -14.89 0.83
CA TYR A 291 -30.44 -13.54 0.92
C TYR A 291 -31.90 -13.29 1.26
N MET A 292 -32.11 -12.16 1.92
CA MET A 292 -33.44 -11.67 2.28
C MET A 292 -33.43 -10.32 1.57
N GLY A 293 -34.35 -10.18 0.62
CA GLY A 293 -34.46 -8.97 -0.18
C GLY A 293 -33.85 -7.67 0.33
N THR A 294 -34.39 -7.18 1.44
CA THR A 294 -33.95 -5.94 2.07
C THR A 294 -32.46 -5.75 2.27
N GLU A 295 -31.72 -6.84 2.44
CA GLU A 295 -30.29 -6.75 2.64
C GLU A 295 -29.63 -6.05 1.47
N ILE A 296 -30.06 -6.44 0.27
CA ILE A 296 -29.55 -5.90 -0.97
C ILE A 296 -30.28 -4.62 -1.36
N GLY A 297 -31.60 -4.73 -1.45
CA GLY A 297 -32.43 -3.60 -1.85
C GLY A 297 -32.37 -2.38 -0.95
N VAL A 298 -32.37 -2.60 0.36
CA VAL A 298 -32.36 -1.48 1.29
C VAL A 298 -30.97 -1.11 1.78
N ARG A 299 -30.29 -2.08 2.38
CA ARG A 299 -28.98 -1.84 2.94
C ARG A 299 -27.90 -1.61 1.90
N ASP A 300 -27.60 -2.66 1.13
CA ASP A 300 -26.58 -2.62 0.11
C ASP A 300 -26.69 -1.55 -0.97
N PHE A 301 -27.89 -1.42 -1.54
CA PHE A 301 -28.13 -0.45 -2.58
C PHE A 301 -28.45 0.96 -2.15
N CYS A 302 -29.10 1.11 -1.00
CA CYS A 302 -29.51 2.43 -0.52
C CYS A 302 -28.78 3.11 0.63
N ASP A 303 -27.92 2.39 1.36
CA ASP A 303 -27.18 3.02 2.44
C ASP A 303 -26.29 4.10 1.86
N THR A 304 -26.07 5.18 2.61
CA THR A 304 -25.21 6.26 2.16
C THR A 304 -23.79 5.71 2.00
N GLN A 305 -23.41 4.84 2.94
CA GLN A 305 -22.08 4.23 2.97
C GLN A 305 -21.89 3.05 2.00
N ARG A 306 -22.92 2.73 1.23
CA ARG A 306 -22.83 1.64 0.27
C ARG A 306 -22.97 2.19 -1.15
N TYR A 307 -23.70 1.48 -2.00
CA TYR A 307 -23.90 1.93 -3.38
C TYR A 307 -24.73 3.18 -3.51
N ASN A 308 -25.45 3.55 -2.44
CA ASN A 308 -26.24 4.78 -2.40
C ASN A 308 -26.93 5.12 -3.73
N ILE A 309 -27.94 4.32 -4.10
CA ILE A 309 -28.63 4.54 -5.36
C ILE A 309 -29.93 5.34 -5.28
N LEU A 310 -30.51 5.44 -4.08
CA LEU A 310 -31.79 6.14 -3.85
C LEU A 310 -32.01 7.45 -4.61
N GLU A 311 -30.97 8.29 -4.64
CA GLU A 311 -31.02 9.56 -5.34
C GLU A 311 -31.55 9.44 -6.77
N GLU A 312 -30.86 8.65 -7.59
CA GLU A 312 -31.25 8.48 -8.99
C GLU A 312 -32.41 7.55 -9.29
N VAL A 313 -32.65 6.57 -8.43
CA VAL A 313 -33.80 5.67 -8.64
C VAL A 313 -35.03 6.55 -8.45
N GLY A 314 -34.89 7.56 -7.60
CA GLY A 314 -35.97 8.50 -7.35
C GLY A 314 -36.13 9.42 -8.55
N ARG A 315 -35.03 10.02 -9.01
CA ARG A 315 -35.03 10.91 -10.17
C ARG A 315 -35.65 10.26 -11.40
N ARG A 316 -35.16 9.08 -11.74
CA ARG A 316 -35.67 8.34 -12.88
C ARG A 316 -37.13 7.93 -12.74
N MET A 317 -37.63 7.92 -11.51
CA MET A 317 -39.03 7.60 -11.26
C MET A 317 -39.85 8.89 -11.39
N GLY A 318 -39.16 10.02 -11.35
CA GLY A 318 -39.80 11.31 -11.47
C GLY A 318 -40.28 11.99 -10.20
N LEU A 319 -40.01 11.40 -9.03
CA LEU A 319 -40.45 11.97 -7.76
C LEU A 319 -39.79 13.29 -7.38
N GLU A 320 -40.41 13.99 -6.44
CA GLU A 320 -39.93 15.28 -5.94
C GLU A 320 -38.78 15.03 -4.98
N THR A 321 -37.64 14.69 -5.57
CA THR A 321 -36.41 14.39 -4.85
C THR A 321 -35.91 15.49 -3.93
N HIS A 322 -36.44 16.69 -4.07
CA HIS A 322 -36.01 17.80 -3.23
C HIS A 322 -37.02 18.19 -2.16
N THR A 323 -37.95 17.27 -1.91
CA THR A 323 -39.00 17.44 -0.92
C THR A 323 -39.12 16.16 -0.11
N LEU A 324 -38.47 16.13 1.06
CA LEU A 324 -38.51 14.94 1.92
C LEU A 324 -39.95 14.48 2.19
N ALA A 325 -40.83 15.43 2.48
CA ALA A 325 -42.23 15.17 2.79
C ALA A 325 -43.06 14.45 1.71
N SER A 326 -42.51 14.33 0.50
CA SER A 326 -43.23 13.66 -0.59
C SER A 326 -43.15 12.15 -0.47
N LEU A 327 -42.37 11.68 0.51
CA LEU A 327 -42.17 10.26 0.77
C LEU A 327 -41.64 9.49 -0.43
N TRP A 328 -40.87 10.18 -1.26
CA TRP A 328 -40.30 9.57 -2.45
C TRP A 328 -39.35 8.47 -2.07
N LYS A 329 -38.51 8.73 -1.06
CA LYS A 329 -37.57 7.74 -0.58
C LYS A 329 -38.31 6.44 -0.27
N ASP A 330 -39.50 6.54 0.33
CA ASP A 330 -40.29 5.35 0.67
C ASP A 330 -40.72 4.63 -0.60
N ARG A 331 -41.14 5.40 -1.60
CA ARG A 331 -41.56 4.83 -2.88
C ARG A 331 -40.43 4.19 -3.64
N ALA A 332 -39.32 4.92 -3.77
CA ALA A 332 -38.16 4.42 -4.50
C ALA A 332 -37.68 3.08 -3.94
N VAL A 333 -37.33 3.08 -2.66
CA VAL A 333 -36.86 1.87 -2.00
C VAL A 333 -37.73 0.67 -2.28
N THR A 334 -39.04 0.84 -2.14
CA THR A 334 -39.96 -0.27 -2.37
C THR A 334 -39.78 -0.87 -3.75
N GLU A 335 -39.60 -0.02 -4.76
CA GLU A 335 -39.39 -0.47 -6.14
C GLU A 335 -38.05 -1.19 -6.31
N ILE A 336 -37.00 -0.67 -5.66
CA ILE A 336 -35.70 -1.31 -5.71
C ILE A 336 -35.84 -2.71 -5.09
N ASN A 337 -36.62 -2.78 -4.02
CA ASN A 337 -36.88 -4.04 -3.35
C ASN A 337 -37.52 -5.06 -4.27
N VAL A 338 -38.56 -4.64 -5.00
CA VAL A 338 -39.22 -5.57 -5.93
C VAL A 338 -38.28 -5.94 -7.08
N ALA A 339 -37.41 -5.01 -7.48
CA ALA A 339 -36.45 -5.26 -8.55
C ALA A 339 -35.57 -6.44 -8.14
N VAL A 340 -35.03 -6.33 -6.94
CA VAL A 340 -34.17 -7.37 -6.38
C VAL A 340 -34.93 -8.69 -6.31
N LEU A 341 -36.09 -8.67 -5.67
CA LEU A 341 -36.93 -9.88 -5.53
C LEU A 341 -37.28 -10.45 -6.89
N HIS A 342 -37.68 -9.57 -7.79
CA HIS A 342 -38.05 -9.97 -9.14
C HIS A 342 -36.86 -10.61 -9.84
N SER A 343 -35.73 -9.90 -9.86
CA SER A 343 -34.50 -10.36 -10.49
C SER A 343 -33.97 -11.70 -9.97
N PHE A 344 -34.06 -11.91 -8.67
CA PHE A 344 -33.63 -13.18 -8.06
C PHE A 344 -34.64 -14.26 -8.43
N GLN A 345 -35.92 -13.90 -8.35
CA GLN A 345 -37.01 -14.82 -8.67
C GLN A 345 -36.94 -15.24 -10.13
N LYS A 346 -36.72 -14.25 -11.00
CA LYS A 346 -36.61 -14.45 -12.45
C LYS A 346 -35.49 -15.40 -12.82
N GLN A 347 -34.30 -15.13 -12.31
CA GLN A 347 -33.12 -15.94 -12.60
C GLN A 347 -32.96 -17.17 -11.71
N ASN A 348 -34.05 -17.59 -11.09
CA ASN A 348 -34.09 -18.76 -10.20
C ASN A 348 -33.00 -18.90 -9.13
N VAL A 349 -32.80 -17.83 -8.38
CA VAL A 349 -31.83 -17.76 -7.30
C VAL A 349 -32.63 -17.58 -6.01
N THR A 350 -32.47 -18.50 -5.07
CA THR A 350 -33.18 -18.43 -3.80
C THR A 350 -33.09 -17.05 -3.14
N ILE A 351 -34.21 -16.64 -2.57
CA ILE A 351 -34.33 -15.37 -1.87
C ILE A 351 -35.66 -15.36 -1.14
N MET A 352 -35.74 -14.57 -0.08
CA MET A 352 -36.95 -14.47 0.71
C MET A 352 -37.25 -13.01 1.05
N ASP A 353 -38.46 -12.57 0.75
CA ASP A 353 -38.87 -11.21 1.06
C ASP A 353 -38.88 -11.07 2.58
N HIS A 354 -38.71 -9.85 3.08
CA HIS A 354 -38.69 -9.63 4.51
C HIS A 354 -39.93 -10.02 5.29
N HIS A 355 -41.10 -9.95 4.65
CA HIS A 355 -42.36 -10.31 5.30
C HIS A 355 -42.47 -11.80 5.58
N THR A 356 -42.37 -12.62 4.54
CA THR A 356 -42.44 -14.07 4.68
C THR A 356 -41.35 -14.53 5.64
N ALA A 357 -40.25 -13.78 5.65
CA ALA A 357 -39.11 -14.09 6.52
C ALA A 357 -39.49 -13.94 7.98
N SER A 358 -40.07 -12.79 8.31
CA SER A 358 -40.49 -12.49 9.68
C SER A 358 -41.57 -13.44 10.16
N GLU A 359 -42.54 -13.74 9.31
CA GLU A 359 -43.61 -14.65 9.68
C GLU A 359 -43.04 -16.00 10.09
N SER A 360 -42.02 -16.45 9.36
CA SER A 360 -41.37 -17.72 9.66
C SER A 360 -40.57 -17.63 10.95
N PHE A 361 -39.93 -16.47 11.19
CA PHE A 361 -39.18 -16.32 12.41
C PHE A 361 -40.13 -16.38 13.61
N MET A 362 -41.31 -15.80 13.46
CA MET A 362 -42.32 -15.82 14.51
C MET A 362 -42.64 -17.28 14.80
N LYS A 363 -42.77 -18.08 13.74
CA LYS A 363 -43.02 -19.50 13.88
C LYS A 363 -41.83 -20.16 14.55
N HIS A 364 -40.63 -19.66 14.27
CA HIS A 364 -39.44 -20.22 14.88
C HIS A 364 -39.49 -20.10 16.40
N MET A 365 -39.70 -18.88 16.90
CA MET A 365 -39.80 -18.63 18.34
C MET A 365 -40.81 -19.57 18.99
N GLN A 366 -42.00 -19.64 18.40
CA GLN A 366 -43.06 -20.51 18.89
C GLN A 366 -42.56 -21.94 19.11
N ASN A 367 -41.74 -22.42 18.18
CA ASN A 367 -41.16 -23.76 18.28
C ASN A 367 -40.05 -23.76 19.32
N GLU A 368 -39.25 -22.70 19.29
CA GLU A 368 -38.12 -22.53 20.19
C GLU A 368 -38.46 -22.44 21.67
N TYR A 369 -39.43 -21.58 22.02
CA TYR A 369 -39.86 -21.42 23.41
C TYR A 369 -40.52 -22.67 23.92
N ARG A 370 -41.47 -23.18 23.13
CA ARG A 370 -42.16 -24.40 23.51
C ARG A 370 -41.14 -25.52 23.69
N ALA A 371 -40.16 -25.61 22.79
CA ALA A 371 -39.14 -26.64 22.90
C ALA A 371 -38.18 -26.43 24.07
N ARG A 372 -37.15 -25.60 23.88
CA ARG A 372 -36.18 -25.36 24.95
C ARG A 372 -36.47 -24.29 26.00
N GLY A 373 -37.50 -23.46 25.77
CA GLY A 373 -37.86 -22.44 26.74
C GLY A 373 -37.33 -21.04 26.53
N GLY A 374 -36.81 -20.76 25.36
CA GLY A 374 -36.28 -19.43 25.08
C GLY A 374 -35.83 -19.32 23.65
N CYS A 375 -35.28 -18.16 23.31
CA CYS A 375 -34.77 -17.89 21.98
C CYS A 375 -34.12 -16.52 21.98
N PRO A 376 -32.78 -16.47 22.10
CA PRO A 376 -32.04 -15.20 22.10
C PRO A 376 -32.34 -14.39 20.85
N ALA A 377 -32.87 -13.20 21.05
CA ALA A 377 -33.23 -12.36 19.91
C ALA A 377 -32.86 -10.90 20.06
N ASP A 378 -32.22 -10.36 19.02
CA ASP A 378 -31.81 -8.97 18.99
C ASP A 378 -32.83 -8.26 18.12
N TRP A 379 -33.81 -7.64 18.77
CA TRP A 379 -34.86 -6.91 18.07
C TRP A 379 -34.25 -5.92 17.10
N ILE A 380 -33.29 -5.12 17.56
CA ILE A 380 -32.64 -4.13 16.71
C ILE A 380 -32.20 -4.71 15.37
N TRP A 381 -31.70 -5.94 15.41
CA TRP A 381 -31.24 -6.61 14.19
C TRP A 381 -32.32 -7.36 13.45
N LEU A 382 -33.17 -8.08 14.18
CA LEU A 382 -34.23 -8.88 13.59
C LEU A 382 -35.32 -8.12 12.82
N VAL A 383 -35.55 -6.87 13.18
CA VAL A 383 -36.58 -6.09 12.50
C VAL A 383 -36.04 -5.51 11.20
N PRO A 384 -36.70 -5.85 10.07
CA PRO A 384 -36.35 -5.39 8.72
C PRO A 384 -36.08 -3.89 8.66
N PRO A 385 -35.13 -3.47 7.81
CA PRO A 385 -34.75 -2.07 7.66
C PRO A 385 -35.84 -1.18 7.06
N VAL A 386 -36.96 -1.79 6.66
CA VAL A 386 -38.10 -1.06 6.13
C VAL A 386 -39.37 -1.76 6.54
N SER A 387 -40.43 -0.97 6.67
CA SER A 387 -41.73 -1.51 7.03
C SER A 387 -41.67 -2.29 8.34
N GLY A 388 -40.94 -1.73 9.30
CA GLY A 388 -40.79 -2.35 10.61
C GLY A 388 -42.08 -2.86 11.22
N SER A 389 -42.97 -1.94 11.61
CA SER A 389 -44.23 -2.32 12.24
C SER A 389 -45.18 -3.14 11.38
N ILE A 390 -44.93 -3.20 10.08
CA ILE A 390 -45.78 -4.00 9.19
C ILE A 390 -45.46 -5.46 9.48
N THR A 391 -44.27 -5.66 10.02
CA THR A 391 -43.74 -6.95 10.37
C THR A 391 -44.16 -7.37 11.78
N PRO A 392 -44.41 -8.67 11.97
CA PRO A 392 -44.82 -9.24 13.27
C PRO A 392 -43.74 -9.08 14.36
N VAL A 393 -42.48 -9.21 13.96
CA VAL A 393 -41.37 -9.12 14.90
C VAL A 393 -41.21 -7.76 15.57
N PHE A 394 -41.72 -6.72 14.94
CA PHE A 394 -41.65 -5.37 15.50
C PHE A 394 -42.41 -5.33 16.80
N HIS A 395 -43.59 -5.96 16.78
CA HIS A 395 -44.51 -6.03 17.92
C HIS A 395 -44.21 -7.20 18.85
N GLN A 396 -43.00 -7.74 18.75
CA GLN A 396 -42.59 -8.86 19.58
C GLN A 396 -41.47 -8.49 20.54
N GLU A 397 -41.74 -8.63 21.84
CA GLU A 397 -40.73 -8.34 22.85
C GLU A 397 -39.76 -9.51 22.86
N MET A 398 -38.48 -9.21 23.04
CA MET A 398 -37.48 -10.26 23.02
C MET A 398 -36.25 -9.96 23.86
N LEU A 399 -35.66 -11.03 24.38
CA LEU A 399 -34.46 -10.95 25.20
C LEU A 399 -33.24 -11.29 24.37
N ASN A 400 -32.20 -10.47 24.50
CA ASN A 400 -30.98 -10.67 23.76
C ASN A 400 -29.88 -11.19 24.69
N TYR A 401 -29.66 -12.49 24.69
CA TYR A 401 -28.64 -13.08 25.54
C TYR A 401 -27.70 -14.06 24.84
N VAL A 402 -26.44 -14.06 25.28
CA VAL A 402 -25.40 -14.94 24.74
C VAL A 402 -25.34 -16.32 25.40
N LEU A 403 -25.56 -17.36 24.61
CA LEU A 403 -25.51 -18.72 25.11
C LEU A 403 -24.23 -19.35 24.55
N SER A 404 -24.17 -20.68 24.57
CA SER A 404 -23.05 -21.45 24.04
C SER A 404 -23.56 -22.79 23.54
N PRO A 405 -23.08 -23.22 22.35
CA PRO A 405 -22.12 -22.58 21.45
C PRO A 405 -22.59 -21.22 20.88
N PHE A 406 -21.67 -20.50 20.25
CA PHE A 406 -22.02 -19.17 19.75
C PHE A 406 -21.08 -18.65 18.68
N TYR A 407 -21.61 -17.85 17.76
CA TYR A 407 -20.82 -17.24 16.70
C TYR A 407 -20.46 -15.82 17.12
N TYR A 408 -19.27 -15.66 17.68
CA TYR A 408 -18.83 -14.35 18.13
C TYR A 408 -18.18 -13.58 16.99
N TYR A 409 -18.12 -12.27 17.17
CA TYR A 409 -17.43 -11.41 16.22
C TYR A 409 -15.99 -11.59 16.63
N GLN A 410 -15.08 -10.93 15.95
CA GLN A 410 -13.68 -10.99 16.33
C GLN A 410 -12.89 -9.84 15.75
N ILE A 411 -11.88 -9.40 16.49
CA ILE A 411 -11.05 -8.29 16.08
C ILE A 411 -10.47 -8.49 14.69
N GLU A 412 -10.63 -7.49 13.84
CA GLU A 412 -10.12 -7.53 12.48
C GLU A 412 -8.65 -7.90 12.51
N PRO A 413 -8.33 -9.12 12.03
CA PRO A 413 -7.00 -9.72 11.96
C PRO A 413 -5.83 -8.82 11.52
N TRP A 414 -6.08 -7.86 10.62
CA TRP A 414 -4.99 -6.99 10.18
C TRP A 414 -4.53 -5.99 11.23
N LYS A 415 -5.27 -5.93 12.34
CA LYS A 415 -4.90 -5.03 13.42
C LYS A 415 -3.98 -5.78 14.36
N THR A 416 -4.25 -7.07 14.53
CA THR A 416 -3.49 -7.93 15.42
C THR A 416 -2.72 -9.03 14.69
N HIS A 417 -1.79 -8.66 13.82
CA HIS A 417 -1.04 -9.69 13.12
C HIS A 417 0.47 -9.50 12.96
N ILE A 418 1.15 -10.65 13.05
CA ILE A 418 2.59 -10.80 12.94
C ILE A 418 3.03 -10.66 11.48
N TRP A 419 4.13 -9.96 11.25
CA TRP A 419 4.62 -9.79 9.89
C TRP A 419 6.06 -10.29 9.67
N GLN A 420 6.16 -11.57 9.36
CA GLN A 420 7.46 -12.22 9.13
C GLN A 420 7.90 -12.07 7.68
N GLN B 1 30.37 -17.53 -10.96
CA GLN B 1 28.96 -17.79 -11.23
C GLN B 1 28.54 -17.23 -12.58
N TYR B 2 27.94 -16.04 -12.58
CA TYR B 2 27.51 -15.35 -13.79
C TYR B 2 27.44 -13.85 -13.52
N VAL B 3 27.00 -13.09 -14.51
CA VAL B 3 26.87 -11.65 -14.34
C VAL B 3 25.49 -11.20 -14.74
N ARG B 4 24.89 -10.37 -13.89
CA ARG B 4 23.55 -9.85 -14.13
C ARG B 4 23.65 -8.57 -14.98
N ILE B 5 22.93 -8.57 -16.10
CA ILE B 5 22.89 -7.43 -17.03
C ILE B 5 21.45 -7.00 -17.30
N LYS B 6 21.17 -5.71 -17.14
CA LYS B 6 19.84 -5.19 -17.32
C LYS B 6 19.72 -4.22 -18.49
N ASN B 7 18.55 -4.23 -19.11
CA ASN B 7 18.25 -3.33 -20.22
C ASN B 7 17.25 -2.36 -19.60
N TRP B 8 17.66 -1.12 -19.43
CA TRP B 8 16.80 -0.11 -18.81
C TRP B 8 15.56 0.33 -19.56
N GLY B 9 15.36 -0.22 -20.75
CA GLY B 9 14.18 0.12 -21.53
C GLY B 9 13.11 -0.95 -21.45
N SER B 10 13.55 -2.20 -21.33
CA SER B 10 12.65 -3.36 -21.24
C SER B 10 12.51 -3.81 -19.81
N GLY B 11 13.57 -3.61 -19.04
CA GLY B 11 13.60 -4.06 -17.66
C GLY B 11 14.04 -5.52 -17.72
N GLU B 12 14.31 -5.97 -18.95
CA GLU B 12 14.75 -7.34 -19.21
C GLU B 12 16.13 -7.54 -18.59
N ILE B 13 16.28 -8.67 -17.90
CA ILE B 13 17.53 -9.01 -17.24
C ILE B 13 18.18 -10.21 -17.92
N LEU B 14 19.49 -10.13 -18.09
CA LEU B 14 20.25 -11.20 -18.73
C LEU B 14 21.42 -11.62 -17.86
N HIS B 15 21.77 -12.91 -17.95
CA HIS B 15 22.87 -13.46 -17.17
C HIS B 15 24.00 -13.91 -18.06
N ASP B 16 25.13 -13.20 -18.00
CA ASP B 16 26.29 -13.55 -18.82
C ASP B 16 27.05 -14.71 -18.20
N THR B 17 27.17 -15.79 -18.97
CA THR B 17 27.88 -16.99 -18.56
C THR B 17 29.16 -17.06 -19.37
N LEU B 18 29.07 -16.61 -20.61
CA LEU B 18 30.18 -16.63 -21.55
C LEU B 18 31.47 -15.91 -21.17
N HIS B 19 31.38 -14.88 -20.34
CA HIS B 19 32.58 -14.13 -19.95
C HIS B 19 33.70 -14.95 -19.31
N HIS B 20 33.39 -16.17 -18.89
CA HIS B 20 34.40 -17.05 -18.28
C HIS B 20 35.42 -17.48 -19.33
N LYS B 21 34.92 -17.81 -20.52
CA LYS B 21 35.77 -18.25 -21.64
C LYS B 21 36.63 -17.09 -22.20
N ALA B 22 36.85 -16.07 -21.36
CA ALA B 22 37.62 -14.88 -21.73
C ALA B 22 39.13 -15.09 -21.87
N THR B 23 39.75 -14.22 -22.65
CA THR B 23 41.20 -14.24 -22.93
C THR B 23 42.10 -14.07 -21.71
N SER B 24 43.35 -14.49 -21.87
CA SER B 24 44.38 -14.42 -20.83
C SER B 24 44.73 -12.97 -20.44
N SER B 32 37.03 -8.18 -18.67
CA SER B 32 35.61 -7.91 -18.82
C SER B 32 35.23 -6.58 -18.17
N CYS B 33 35.43 -5.48 -18.90
CA CYS B 33 35.08 -4.17 -18.39
C CYS B 33 33.62 -4.00 -18.00
N LEU B 34 33.39 -3.70 -16.71
CA LEU B 34 32.08 -3.47 -16.17
C LEU B 34 31.51 -2.14 -16.70
N GLY B 35 32.38 -1.27 -17.21
CA GLY B 35 32.03 0.05 -17.75
C GLY B 35 30.58 0.39 -18.08
N SER B 36 29.94 -0.43 -18.91
CA SER B 36 28.54 -0.21 -19.32
C SER B 36 27.49 -0.46 -18.23
N ILE B 37 27.93 -0.96 -17.08
CA ILE B 37 27.02 -1.23 -15.95
C ILE B 37 26.67 0.10 -15.30
N MET B 38 25.40 0.28 -14.97
CA MET B 38 24.90 1.51 -14.37
C MET B 38 25.06 1.62 -12.84
N ASN B 39 24.65 0.59 -12.10
CA ASN B 39 24.74 0.58 -10.64
C ASN B 39 25.74 -0.48 -10.09
N PRO B 40 27.02 -0.38 -10.47
CA PRO B 40 27.98 -1.37 -9.97
C PRO B 40 28.24 -1.19 -8.47
N LYS B 41 28.52 -2.30 -7.79
CA LYS B 41 28.80 -2.27 -6.37
C LYS B 41 30.05 -1.44 -6.09
N SER B 42 30.89 -1.30 -7.12
CA SER B 42 32.12 -0.51 -7.03
C SER B 42 31.87 0.99 -6.92
N LEU B 43 30.61 1.39 -7.13
CA LEU B 43 30.17 2.79 -7.06
C LEU B 43 29.06 2.98 -6.03
N THR B 44 28.83 1.95 -5.23
CA THR B 44 27.81 1.99 -4.20
C THR B 44 28.47 1.86 -2.83
N ARG B 45 27.91 2.53 -1.83
CA ARG B 45 28.42 2.46 -0.47
C ARG B 45 27.22 2.11 0.41
N GLY B 46 27.06 0.81 0.68
CA GLY B 46 25.95 0.29 1.46
C GLY B 46 25.87 0.52 2.96
N PRO B 47 24.82 -0.02 3.61
CA PRO B 47 24.47 0.03 5.04
C PRO B 47 25.56 -0.44 6.00
N ARG B 48 25.25 -0.36 7.30
CA ARG B 48 26.16 -0.77 8.35
C ARG B 48 25.41 -1.20 9.62
N ASP B 49 26.18 -1.66 10.61
CA ASP B 49 25.68 -2.10 11.91
C ASP B 49 26.73 -1.74 12.94
N LYS B 50 27.98 -1.67 12.47
CA LYS B 50 29.11 -1.35 13.31
C LYS B 50 29.86 -0.15 12.75
N PRO B 51 30.27 0.80 13.61
CA PRO B 51 31.00 1.99 13.17
C PRO B 51 32.21 1.57 12.33
N THR B 52 32.62 2.43 11.40
CA THR B 52 33.78 2.13 10.57
C THR B 52 35.02 1.83 11.43
N PRO B 53 35.44 0.54 11.45
CA PRO B 53 36.60 0.09 12.22
C PRO B 53 37.86 0.94 12.05
N LEU B 54 38.39 1.35 13.20
CA LEU B 54 39.58 2.19 13.34
C LEU B 54 40.72 2.05 12.32
N GLU B 55 41.19 0.81 12.15
CA GLU B 55 42.31 0.49 11.24
C GLU B 55 42.20 1.11 9.85
N GLU B 56 40.98 1.24 9.34
CA GLU B 56 40.75 1.84 8.02
C GLU B 56 40.29 3.30 8.11
N LEU B 57 39.46 3.59 9.11
CA LEU B 57 38.94 4.94 9.34
C LEU B 57 40.09 5.93 9.61
N LEU B 58 41.12 5.46 10.31
CA LEU B 58 42.27 6.29 10.66
C LEU B 58 43.10 6.75 9.45
N PRO B 59 43.63 5.81 8.65
CA PRO B 59 44.44 6.17 7.47
C PRO B 59 43.65 6.97 6.44
N HIS B 60 42.33 6.73 6.38
CA HIS B 60 41.43 7.45 5.47
C HIS B 60 41.38 8.91 5.87
N ALA B 61 41.12 9.14 7.15
CA ALA B 61 41.04 10.47 7.72
C ALA B 61 42.35 11.22 7.52
N ILE B 62 43.46 10.55 7.81
CA ILE B 62 44.77 11.17 7.67
C ILE B 62 45.02 11.61 6.24
N GLU B 63 44.66 10.74 5.29
CA GLU B 63 44.81 11.02 3.85
C GLU B 63 44.11 12.33 3.54
N PHE B 64 42.84 12.41 3.93
CA PHE B 64 42.02 13.58 3.72
C PHE B 64 42.69 14.85 4.21
N ILE B 65 43.03 14.85 5.49
CA ILE B 65 43.64 16.00 6.13
C ILE B 65 44.94 16.43 5.46
N ASN B 66 45.68 15.46 4.90
CA ASN B 66 46.93 15.76 4.20
C ASN B 66 46.61 16.41 2.86
N GLN B 67 45.44 16.06 2.33
CA GLN B 67 44.94 16.59 1.06
C GLN B 67 44.46 18.02 1.33
N TYR B 68 43.64 18.17 2.37
CA TYR B 68 43.08 19.46 2.78
C TYR B 68 44.21 20.48 2.97
N TYR B 69 45.15 20.17 3.86
CA TYR B 69 46.28 21.05 4.13
C TYR B 69 47.24 21.19 2.96
N GLY B 70 47.08 20.32 1.96
CA GLY B 70 47.93 20.37 0.80
C GLY B 70 47.38 21.25 -0.30
N SER B 71 46.15 21.74 -0.13
CA SER B 71 45.52 22.59 -1.14
C SER B 71 46.02 24.04 -1.28
N PHE B 72 45.87 24.83 -0.22
CA PHE B 72 46.26 26.24 -0.26
C PHE B 72 47.75 26.58 -0.38
N LYS B 73 48.04 27.72 -1.02
CA LYS B 73 49.40 28.23 -1.18
C LYS B 73 49.87 28.52 0.25
N GLU B 74 51.19 28.54 0.47
CA GLU B 74 51.76 28.76 1.80
C GLU B 74 50.97 27.99 2.87
N ALA B 75 51.33 26.71 3.02
CA ALA B 75 50.69 25.80 3.95
C ALA B 75 50.85 26.13 5.43
N LYS B 76 49.79 25.84 6.19
CA LYS B 76 49.77 26.06 7.62
C LYS B 76 50.38 24.80 8.25
N ILE B 77 51.66 24.60 7.94
CA ILE B 77 52.49 23.50 8.39
C ILE B 77 52.23 23.04 9.82
N GLU B 78 52.38 23.96 10.77
CA GLU B 78 52.18 23.68 12.17
C GLU B 78 50.75 23.19 12.44
N GLU B 79 49.77 23.92 11.90
CA GLU B 79 48.37 23.57 12.07
C GLU B 79 48.06 22.22 11.42
N HIS B 80 48.84 21.89 10.39
CA HIS B 80 48.69 20.64 9.66
C HIS B 80 48.92 19.51 10.66
N LEU B 81 50.12 19.49 11.24
CA LEU B 81 50.50 18.48 12.23
C LEU B 81 49.52 18.52 13.39
N ALA B 82 49.24 19.74 13.86
CA ALA B 82 48.32 19.96 14.97
C ALA B 82 46.98 19.27 14.69
N ARG B 83 46.41 19.55 13.52
CA ARG B 83 45.15 18.96 13.10
C ARG B 83 45.29 17.44 12.99
N LEU B 84 46.38 17.00 12.37
CA LEU B 84 46.66 15.58 12.21
C LEU B 84 46.63 14.89 13.57
N GLU B 85 47.51 15.36 14.45
CA GLU B 85 47.65 14.87 15.81
C GLU B 85 46.28 14.90 16.48
N ALA B 86 45.65 16.07 16.45
CA ALA B 86 44.34 16.28 17.04
C ALA B 86 43.33 15.26 16.56
N VAL B 87 43.18 15.16 15.23
CA VAL B 87 42.23 14.23 14.64
C VAL B 87 42.54 12.80 15.02
N THR B 88 43.81 12.42 14.95
CA THR B 88 44.24 11.07 15.29
C THR B 88 43.79 10.72 16.70
N LYS B 89 44.11 11.60 17.64
CA LYS B 89 43.73 11.41 19.04
C LYS B 89 42.21 11.38 19.13
N GLU B 90 41.56 12.37 18.51
CA GLU B 90 40.10 12.46 18.50
C GLU B 90 39.44 11.16 18.03
N ILE B 91 40.05 10.52 17.03
CA ILE B 91 39.55 9.28 16.47
C ILE B 91 39.81 8.08 17.38
N GLU B 92 41.07 7.92 17.78
CA GLU B 92 41.48 6.81 18.65
C GLU B 92 40.67 6.76 19.96
N THR B 93 40.25 7.93 20.44
CA THR B 93 39.49 8.08 21.68
C THR B 93 37.97 7.82 21.65
N THR B 94 37.28 8.50 20.73
CA THR B 94 35.82 8.36 20.59
C THR B 94 35.42 7.40 19.49
N GLY B 95 36.35 7.17 18.57
CA GLY B 95 36.09 6.30 17.43
C GLY B 95 36.03 7.19 16.20
N THR B 96 34.87 7.75 15.93
CA THR B 96 34.67 8.64 14.79
C THR B 96 35.27 10.02 15.05
N TYR B 97 35.02 10.95 14.14
CA TYR B 97 35.53 12.30 14.29
C TYR B 97 34.72 13.29 13.47
N GLN B 98 34.78 14.56 13.87
CA GLN B 98 34.06 15.62 13.19
C GLN B 98 35.00 16.50 12.40
N LEU B 99 34.56 16.92 11.22
CA LEU B 99 35.35 17.78 10.35
C LEU B 99 35.11 19.21 10.76
N THR B 100 36.05 20.07 10.38
CA THR B 100 35.89 21.49 10.66
C THR B 100 34.98 21.94 9.51
N LEU B 101 34.28 23.06 9.71
CA LEU B 101 33.38 23.55 8.67
C LEU B 101 34.15 23.76 7.37
N ASP B 102 35.28 24.45 7.45
CA ASP B 102 36.10 24.71 6.27
C ASP B 102 36.51 23.41 5.57
N GLU B 103 36.73 22.36 6.35
CA GLU B 103 37.10 21.05 5.81
C GLU B 103 35.97 20.48 4.98
N LEU B 104 34.76 20.53 5.51
CA LEU B 104 33.59 20.03 4.83
C LEU B 104 33.37 20.74 3.50
N ILE B 105 33.56 22.06 3.48
CA ILE B 105 33.40 22.84 2.26
C ILE B 105 34.31 22.22 1.21
N PHE B 106 35.59 22.15 1.57
CA PHE B 106 36.60 21.58 0.70
C PHE B 106 36.22 20.16 0.26
N ALA B 107 35.66 19.38 1.17
CA ALA B 107 35.26 18.01 0.87
C ALA B 107 34.19 17.94 -0.22
N THR B 108 33.10 18.68 -0.04
CA THR B 108 32.00 18.69 -1.01
C THR B 108 32.44 19.10 -2.41
N LYS B 109 33.24 20.16 -2.49
CA LYS B 109 33.75 20.64 -3.76
C LYS B 109 34.67 19.61 -4.41
N MET B 110 35.47 18.95 -3.58
CA MET B 110 36.40 17.94 -4.07
C MET B 110 35.64 16.71 -4.53
N ALA B 111 34.62 16.31 -3.76
CA ALA B 111 33.78 15.15 -4.08
C ALA B 111 33.05 15.37 -5.40
N TRP B 112 32.69 16.62 -5.68
CA TRP B 112 32.03 16.97 -6.93
C TRP B 112 33.13 16.92 -7.99
N ARG B 113 34.29 17.50 -7.66
CA ARG B 113 35.45 17.49 -8.54
C ARG B 113 35.78 16.04 -8.94
N ASN B 114 35.43 15.10 -8.07
CA ASN B 114 35.70 13.67 -8.28
C ASN B 114 34.51 12.86 -8.82
N ALA B 115 33.45 13.53 -9.26
CA ALA B 115 32.28 12.82 -9.81
C ALA B 115 32.51 12.60 -11.30
N PRO B 116 33.06 11.43 -11.67
CA PRO B 116 33.34 11.10 -13.07
C PRO B 116 32.16 11.10 -14.05
N ARG B 117 30.94 11.16 -13.52
CA ARG B 117 29.75 11.16 -14.36
C ARG B 117 29.08 12.53 -14.52
N CYS B 118 29.77 13.61 -14.13
CA CYS B 118 29.26 14.99 -14.23
C CYS B 118 30.00 15.84 -15.27
N ILE B 119 29.26 16.56 -16.10
CA ILE B 119 29.87 17.41 -17.13
C ILE B 119 30.06 18.85 -16.66
N GLY B 120 29.38 19.23 -15.61
CA GLY B 120 29.49 20.58 -15.10
C GLY B 120 30.56 20.78 -14.07
N ARG B 121 31.46 19.80 -13.96
CA ARG B 121 32.54 19.86 -12.97
C ARG B 121 33.43 21.09 -13.07
N ILE B 122 33.32 21.86 -14.15
CA ILE B 122 34.14 23.07 -14.25
C ILE B 122 33.68 24.06 -13.17
N GLN B 123 32.41 23.92 -12.78
CA GLN B 123 31.79 24.74 -11.75
C GLN B 123 32.12 24.24 -10.35
N TRP B 124 32.88 23.15 -10.25
CA TRP B 124 33.23 22.53 -8.97
C TRP B 124 33.59 23.48 -7.82
N SER B 125 34.29 24.57 -8.14
CA SER B 125 34.71 25.55 -7.14
C SER B 125 33.60 26.51 -6.71
N ASN B 126 32.52 26.56 -7.48
CA ASN B 126 31.38 27.42 -7.19
C ASN B 126 30.24 26.61 -6.56
N LEU B 127 30.41 26.26 -5.30
CA LEU B 127 29.38 25.50 -4.60
C LEU B 127 29.00 26.13 -3.28
N GLN B 128 27.76 25.90 -2.88
CA GLN B 128 27.25 26.43 -1.63
C GLN B 128 26.97 25.24 -0.74
N VAL B 129 27.53 25.28 0.45
CA VAL B 129 27.39 24.21 1.42
C VAL B 129 26.48 24.60 2.57
N PHE B 130 25.47 23.76 2.82
CA PHE B 130 24.53 23.98 3.91
C PHE B 130 24.80 22.97 5.01
N ASP B 131 25.51 23.43 6.04
CA ASP B 131 25.88 22.61 7.19
C ASP B 131 24.67 22.27 8.04
N ALA B 132 24.14 21.07 7.84
CA ALA B 132 22.99 20.63 8.61
C ALA B 132 23.43 19.47 9.49
N ARG B 133 24.73 19.41 9.79
CA ARG B 133 25.30 18.34 10.61
C ARG B 133 24.63 18.28 11.99
N ASN B 134 24.21 19.43 12.52
CA ASN B 134 23.56 19.47 13.82
C ASN B 134 22.05 19.20 13.80
N CYS B 135 21.53 18.80 12.64
CA CYS B 135 20.12 18.49 12.49
C CYS B 135 19.83 17.22 13.26
N SER B 136 18.56 17.01 13.62
CA SER B 136 18.19 15.84 14.39
C SER B 136 16.78 15.29 14.16
N THR B 137 15.98 15.97 13.35
CA THR B 137 14.62 15.52 13.06
C THR B 137 14.19 15.71 11.61
N ALA B 138 13.22 14.91 11.18
CA ALA B 138 12.70 14.97 9.82
C ALA B 138 12.09 16.34 9.54
N GLN B 139 11.37 16.88 10.53
CA GLN B 139 10.76 18.21 10.42
C GLN B 139 11.87 19.25 10.27
N GLU B 140 13.01 18.96 10.88
CA GLU B 140 14.17 19.84 10.82
C GLU B 140 14.84 19.70 9.46
N MET B 141 14.90 18.47 8.93
CA MET B 141 15.50 18.20 7.61
C MET B 141 14.69 18.95 6.58
N PHE B 142 13.38 18.68 6.59
CA PHE B 142 12.41 19.31 5.69
C PHE B 142 12.73 20.81 5.57
N GLN B 143 12.95 21.45 6.71
CA GLN B 143 13.26 22.88 6.73
C GLN B 143 14.57 23.22 6.03
N HIS B 144 15.59 22.38 6.21
CA HIS B 144 16.89 22.61 5.55
C HIS B 144 16.75 22.43 4.06
N ILE B 145 15.93 21.45 3.68
CA ILE B 145 15.69 21.15 2.27
C ILE B 145 14.97 22.29 1.56
N CYS B 146 14.01 22.91 2.25
CA CYS B 146 13.30 24.03 1.66
C CYS B 146 14.27 25.20 1.52
N ARG B 147 15.04 25.47 2.58
CA ARG B 147 16.03 26.55 2.54
C ARG B 147 16.91 26.34 1.31
N HIS B 148 17.21 25.06 1.04
CA HIS B 148 18.04 24.67 -0.09
C HIS B 148 17.38 24.97 -1.42
N ILE B 149 16.23 24.34 -1.66
CA ILE B 149 15.46 24.52 -2.87
C ILE B 149 15.35 26.01 -3.20
N LEU B 150 14.93 26.76 -2.19
CA LEU B 150 14.76 28.21 -2.32
C LEU B 150 16.07 28.90 -2.70
N TYR B 151 17.15 28.58 -1.99
CA TYR B 151 18.42 29.20 -2.30
C TYR B 151 18.85 28.84 -3.72
N ALA B 152 18.76 27.55 -4.03
CA ALA B 152 19.15 27.02 -5.33
C ALA B 152 18.35 27.55 -6.50
N THR B 153 17.02 27.57 -6.35
CA THR B 153 16.11 28.04 -7.39
C THR B 153 16.43 29.48 -7.76
N ASN B 154 16.55 30.31 -6.73
CA ASN B 154 16.88 31.73 -6.88
C ASN B 154 16.14 32.45 -8.01
N ASN B 155 14.85 32.14 -8.12
CA ASN B 155 13.99 32.77 -9.13
C ASN B 155 14.45 32.48 -10.57
N GLY B 156 14.94 31.28 -10.83
CA GLY B 156 15.37 30.94 -12.16
C GLY B 156 16.88 31.01 -12.32
N ASN B 157 17.52 31.97 -11.68
CA ASN B 157 18.97 32.06 -11.75
C ASN B 157 19.49 30.96 -10.81
N ILE B 158 19.57 29.75 -11.33
CA ILE B 158 20.00 28.58 -10.57
C ILE B 158 21.38 28.68 -9.93
N ARG B 159 21.48 28.22 -8.70
CA ARG B 159 22.74 28.24 -7.96
C ARG B 159 23.02 26.86 -7.37
N SER B 160 24.23 26.37 -7.62
CA SER B 160 24.66 25.06 -7.12
C SER B 160 24.86 25.09 -5.62
N ALA B 161 24.29 24.11 -4.96
CA ALA B 161 24.41 24.02 -3.51
C ALA B 161 24.23 22.57 -3.07
N ILE B 162 24.55 22.34 -1.80
CA ILE B 162 24.42 21.02 -1.21
C ILE B 162 24.15 21.18 0.28
N THR B 163 23.33 20.28 0.80
CA THR B 163 23.02 20.33 2.22
C THR B 163 23.45 19.01 2.88
N VAL B 164 24.58 19.11 3.60
CA VAL B 164 25.19 17.99 4.32
C VAL B 164 24.50 17.74 5.64
N PHE B 165 23.80 16.61 5.74
CA PHE B 165 23.14 16.25 6.98
C PHE B 165 24.12 15.51 7.90
N PRO B 166 23.72 15.21 9.15
CA PRO B 166 24.62 14.51 10.07
C PRO B 166 25.27 13.27 9.48
N GLN B 167 26.57 13.13 9.71
CA GLN B 167 27.35 12.01 9.23
C GLN B 167 26.83 10.68 9.74
N ARG B 168 27.48 9.59 9.34
CA ARG B 168 27.07 8.28 9.81
C ARG B 168 27.84 7.91 11.07
N SER B 169 27.10 7.54 12.11
CA SER B 169 27.70 7.14 13.37
C SER B 169 27.91 5.62 13.38
N ASP B 170 26.98 4.89 13.98
CA ASP B 170 27.09 3.45 14.07
C ASP B 170 26.64 2.76 12.78
N GLY B 171 25.39 2.99 12.38
CA GLY B 171 24.84 2.39 11.18
C GLY B 171 23.32 2.33 11.26
N LYS B 172 22.80 2.23 12.47
CA LYS B 172 21.35 2.19 12.69
C LYS B 172 20.79 3.60 12.89
N HIS B 173 21.67 4.60 12.83
CA HIS B 173 21.29 6.00 13.01
C HIS B 173 21.57 6.83 11.74
N ASP B 174 21.00 6.39 10.61
CA ASP B 174 21.16 7.04 9.30
C ASP B 174 20.11 8.09 8.89
N PHE B 175 20.59 9.26 8.45
CA PHE B 175 19.71 10.32 7.97
C PHE B 175 19.58 10.05 6.47
N ARG B 176 18.35 9.82 5.99
CA ARG B 176 18.18 9.53 4.56
C ARG B 176 16.99 10.17 3.88
N LEU B 177 17.21 10.59 2.64
CA LEU B 177 16.17 11.15 1.80
C LEU B 177 15.86 9.99 0.88
N TRP B 178 14.62 9.55 0.85
CA TRP B 178 14.24 8.42 0.03
C TRP B 178 14.00 8.75 -1.45
N ASN B 179 13.88 10.03 -1.76
CA ASN B 179 13.62 10.47 -3.12
C ASN B 179 14.87 10.42 -4.00
N SER B 180 14.66 10.18 -5.29
CA SER B 180 15.74 10.12 -6.29
C SER B 180 16.42 11.48 -6.34
N GLN B 181 15.60 12.51 -6.31
CA GLN B 181 16.04 13.88 -6.33
C GLN B 181 14.97 14.72 -5.65
N LEU B 182 15.34 15.92 -5.20
CA LEU B 182 14.42 16.83 -4.51
C LEU B 182 13.07 16.93 -5.19
N ILE B 183 13.02 17.58 -6.36
CA ILE B 183 11.78 17.68 -7.12
C ILE B 183 11.75 16.54 -8.14
N ARG B 184 10.59 15.93 -8.28
CA ARG B 184 10.41 14.81 -9.18
C ARG B 184 8.92 14.55 -9.32
N TYR B 185 8.46 14.22 -10.52
CA TYR B 185 7.05 13.99 -10.76
C TYR B 185 6.60 12.57 -10.44
N ALA B 186 5.33 12.45 -10.03
CA ALA B 186 4.74 11.16 -9.70
C ALA B 186 4.45 10.34 -10.95
N GLY B 187 4.25 9.05 -10.76
CA GLY B 187 3.95 8.16 -11.86
C GLY B 187 3.01 7.08 -11.36
N TYR B 188 1.80 7.05 -11.89
CA TYR B 188 0.81 6.06 -11.45
C TYR B 188 0.37 5.15 -12.57
N GLN B 189 0.22 3.86 -12.26
CA GLN B 189 -0.28 2.91 -13.25
C GLN B 189 -1.80 3.08 -13.20
N MET B 190 -2.36 3.56 -14.30
CA MET B 190 -3.79 3.80 -14.40
C MET B 190 -4.62 2.54 -14.55
N PRO B 191 -5.93 2.65 -14.29
CA PRO B 191 -6.88 1.53 -14.40
C PRO B 191 -6.97 1.02 -15.83
N ASP B 192 -7.03 1.94 -16.78
CA ASP B 192 -7.12 1.62 -18.20
C ASP B 192 -5.81 1.06 -18.80
N GLY B 193 -5.03 0.39 -17.96
CA GLY B 193 -3.78 -0.21 -18.39
C GLY B 193 -2.63 0.75 -18.64
N THR B 194 -2.95 2.02 -18.90
CA THR B 194 -1.95 3.05 -19.18
C THR B 194 -1.11 3.44 -17.96
N ILE B 195 -0.25 4.43 -18.17
CA ILE B 195 0.64 4.95 -17.14
C ILE B 195 0.74 6.47 -17.30
N ARG B 196 0.45 7.20 -16.22
CA ARG B 196 0.51 8.67 -16.23
C ARG B 196 1.75 9.23 -15.55
N GLY B 197 2.15 10.43 -15.99
CA GLY B 197 3.32 11.08 -15.42
C GLY B 197 4.63 10.39 -15.72
N ASP B 198 5.55 10.49 -14.77
CA ASP B 198 6.88 9.90 -14.89
C ASP B 198 6.88 8.43 -14.49
N ALA B 199 6.95 7.56 -15.49
CA ALA B 199 6.97 6.11 -15.27
C ALA B 199 8.19 5.65 -14.48
N ALA B 200 9.25 6.46 -14.49
CA ALA B 200 10.47 6.13 -13.77
C ALA B 200 10.25 6.08 -12.26
N THR B 201 9.34 6.92 -11.79
CA THR B 201 9.01 7.00 -10.36
C THR B 201 7.69 6.29 -10.05
N LEU B 202 7.53 5.09 -10.59
CA LEU B 202 6.31 4.30 -10.38
C LEU B 202 6.31 3.63 -9.01
N GLU B 203 7.37 2.87 -8.73
CA GLU B 203 7.51 2.17 -7.46
C GLU B 203 7.51 3.18 -6.30
N PHE B 204 8.39 4.18 -6.39
CA PHE B 204 8.50 5.22 -5.37
C PHE B 204 7.17 5.93 -5.11
N THR B 205 6.41 6.17 -6.16
CA THR B 205 5.11 6.84 -6.00
C THR B 205 4.16 5.97 -5.18
N GLN B 206 4.08 4.69 -5.52
CA GLN B 206 3.22 3.77 -4.78
C GLN B 206 3.59 3.84 -3.31
N LEU B 207 4.89 3.79 -3.03
CA LEU B 207 5.39 3.87 -1.66
C LEU B 207 4.76 5.06 -0.95
N CYS B 208 4.81 6.22 -1.59
CA CYS B 208 4.23 7.44 -1.03
C CYS B 208 2.76 7.23 -0.72
N ILE B 209 2.04 6.59 -1.65
CA ILE B 209 0.62 6.31 -1.47
C ILE B 209 0.40 5.46 -0.22
N ASP B 210 1.25 4.44 -0.07
CA ASP B 210 1.19 3.54 1.10
C ASP B 210 1.30 4.35 2.38
N LEU B 211 2.24 5.31 2.40
CA LEU B 211 2.44 6.17 3.56
C LEU B 211 1.39 7.28 3.59
N GLY B 212 0.19 6.96 3.09
CA GLY B 212 -0.92 7.89 3.07
C GLY B 212 -0.80 9.20 2.31
N TRP B 213 -0.01 9.23 1.24
CA TRP B 213 0.12 10.47 0.48
C TRP B 213 -1.08 10.63 -0.44
N LYS B 214 -1.55 11.85 -0.57
CA LYS B 214 -2.72 12.17 -1.41
C LYS B 214 -2.38 12.24 -2.90
N PRO B 215 -2.68 11.16 -3.65
CA PRO B 215 -2.41 11.09 -5.10
C PRO B 215 -3.32 12.02 -5.89
N ARG B 216 -2.75 13.08 -6.46
CA ARG B 216 -3.53 14.03 -7.24
C ARG B 216 -3.73 13.60 -8.69
N TYR B 217 -3.30 12.38 -9.01
CA TYR B 217 -3.41 11.80 -10.36
C TYR B 217 -3.27 12.75 -11.54
N GLY B 218 -2.03 13.08 -11.89
CA GLY B 218 -1.78 13.99 -13.01
C GLY B 218 -0.47 13.65 -13.69
N ARG B 219 -0.16 14.38 -14.76
CA ARG B 219 1.06 14.15 -15.50
C ARG B 219 2.25 14.77 -14.79
N PHE B 220 2.01 15.91 -14.15
CA PHE B 220 3.06 16.59 -13.45
C PHE B 220 2.65 16.95 -12.05
N ASP B 221 2.68 15.94 -11.18
CA ASP B 221 2.35 16.10 -9.77
C ASP B 221 3.63 15.87 -9.01
N VAL B 222 4.19 16.95 -8.48
CA VAL B 222 5.42 16.87 -7.72
C VAL B 222 5.26 15.89 -6.57
N LEU B 223 6.18 14.93 -6.51
CA LEU B 223 6.17 13.92 -5.45
C LEU B 223 6.47 14.53 -4.10
N PRO B 224 5.93 13.92 -3.03
CA PRO B 224 6.16 14.42 -1.67
C PRO B 224 7.59 14.09 -1.28
N LEU B 225 8.07 14.77 -0.25
CA LEU B 225 9.41 14.52 0.23
C LEU B 225 9.33 13.47 1.34
N VAL B 226 10.16 12.45 1.21
CA VAL B 226 10.21 11.37 2.20
C VAL B 226 11.54 11.48 2.91
N LEU B 227 11.51 11.65 4.22
CA LEU B 227 12.74 11.79 4.96
C LEU B 227 12.77 10.94 6.21
N GLN B 228 13.98 10.60 6.65
CA GLN B 228 14.17 9.81 7.86
C GLN B 228 15.39 10.33 8.62
N ALA B 229 15.19 10.61 9.91
CA ALA B 229 16.24 11.13 10.78
C ALA B 229 16.77 10.05 11.73
N ASP B 230 17.99 10.26 12.23
CA ASP B 230 18.64 9.31 13.13
C ASP B 230 18.42 7.92 12.56
N GLY B 231 17.59 7.11 13.20
CA GLY B 231 17.33 5.79 12.65
C GLY B 231 15.87 5.66 12.28
N GLN B 232 15.09 6.61 12.81
CA GLN B 232 13.64 6.69 12.64
C GLN B 232 13.03 6.32 11.30
N ASP B 233 11.74 6.02 11.34
CA ASP B 233 10.97 5.67 10.16
C ASP B 233 10.74 6.97 9.39
N PRO B 234 10.53 6.86 8.06
CA PRO B 234 10.30 8.00 7.16
C PRO B 234 9.03 8.83 7.37
N GLU B 235 9.21 10.14 7.40
CA GLU B 235 8.11 11.09 7.55
C GLU B 235 7.82 11.74 6.20
N VAL B 236 6.55 11.73 5.82
CA VAL B 236 6.11 12.30 4.56
C VAL B 236 5.89 13.81 4.65
N PHE B 237 6.53 14.55 3.76
CA PHE B 237 6.41 16.01 3.75
C PHE B 237 6.07 16.55 2.37
N GLU B 238 4.87 17.09 2.22
CA GLU B 238 4.44 17.67 0.96
C GLU B 238 5.26 18.94 0.69
N ILE B 239 5.85 19.02 -0.49
CA ILE B 239 6.67 20.16 -0.85
C ILE B 239 5.84 21.39 -1.17
N PRO B 240 6.12 22.52 -0.48
CA PRO B 240 5.43 23.78 -0.68
C PRO B 240 5.52 24.24 -2.13
N PRO B 241 4.38 24.22 -2.86
CA PRO B 241 4.29 24.60 -4.27
C PRO B 241 4.96 25.92 -4.66
N ASP B 242 4.95 26.91 -3.77
CA ASP B 242 5.59 28.19 -4.08
C ASP B 242 7.09 28.04 -4.28
N LEU B 243 7.61 26.86 -3.91
CA LEU B 243 9.04 26.56 -4.03
C LEU B 243 9.43 25.82 -5.29
N VAL B 244 8.46 25.16 -5.91
CA VAL B 244 8.69 24.39 -7.11
C VAL B 244 8.56 25.24 -8.39
N LEU B 245 9.68 25.78 -8.84
CA LEU B 245 9.69 26.59 -10.05
C LEU B 245 9.60 25.67 -11.26
N GLU B 246 8.76 26.03 -12.21
CA GLU B 246 8.56 25.22 -13.41
C GLU B 246 8.62 26.01 -14.71
N VAL B 247 8.98 25.30 -15.77
CA VAL B 247 9.09 25.88 -17.10
C VAL B 247 8.12 25.16 -18.04
N THR B 248 7.20 25.92 -18.62
CA THR B 248 6.22 25.35 -19.54
C THR B 248 6.84 25.27 -20.92
N MET B 249 6.83 24.06 -21.47
CA MET B 249 7.40 23.78 -22.78
C MET B 249 6.63 24.32 -23.96
N GLU B 250 7.33 25.08 -24.81
CA GLU B 250 6.75 25.66 -26.01
C GLU B 250 7.83 25.91 -27.07
N HIS B 251 7.55 25.49 -28.30
CA HIS B 251 8.45 25.64 -29.43
C HIS B 251 8.42 27.08 -29.97
N PRO B 252 9.58 27.60 -30.42
CA PRO B 252 9.70 28.96 -30.97
C PRO B 252 9.12 29.11 -32.39
N LYS B 253 8.67 28.01 -32.98
CA LYS B 253 8.10 28.05 -34.33
C LYS B 253 6.86 27.16 -34.42
N TYR B 254 6.86 26.03 -33.70
CA TYR B 254 5.73 25.10 -33.73
C TYR B 254 4.76 25.44 -32.60
N GLU B 255 3.86 26.38 -32.85
CA GLU B 255 2.89 26.81 -31.84
C GLU B 255 2.01 25.70 -31.27
N TRP B 256 1.94 24.58 -31.98
CA TRP B 256 1.13 23.45 -31.52
C TRP B 256 1.84 22.72 -30.38
N PHE B 257 3.14 22.94 -30.25
CA PHE B 257 3.93 22.29 -29.20
C PHE B 257 3.39 22.62 -27.82
N GLN B 258 2.94 23.86 -27.63
CA GLN B 258 2.37 24.28 -26.35
C GLN B 258 1.14 23.46 -26.04
N GLU B 259 0.42 23.07 -27.08
CA GLU B 259 -0.79 22.26 -26.95
C GLU B 259 -0.52 20.89 -26.30
N LEU B 260 0.74 20.52 -26.21
CA LEU B 260 1.11 19.24 -25.61
C LEU B 260 1.01 19.27 -24.08
N GLY B 261 0.90 20.48 -23.52
CA GLY B 261 0.79 20.64 -22.08
C GLY B 261 2.00 20.12 -21.32
N LEU B 262 3.19 20.37 -21.86
CA LEU B 262 4.42 19.93 -21.25
C LEU B 262 5.06 21.01 -20.40
N LYS B 263 5.81 20.56 -19.41
CA LYS B 263 6.52 21.44 -18.49
C LYS B 263 7.50 20.60 -17.68
N TRP B 264 8.46 21.25 -17.04
CA TRP B 264 9.43 20.53 -16.24
C TRP B 264 9.93 21.45 -15.13
N TYR B 265 10.45 20.85 -14.06
CA TYR B 265 11.00 21.60 -12.94
C TYR B 265 12.37 22.15 -13.31
N ALA B 266 12.67 23.35 -12.83
CA ALA B 266 13.93 23.99 -13.13
C ALA B 266 15.09 23.48 -12.28
N LEU B 267 14.77 22.78 -11.20
CA LEU B 267 15.82 22.31 -10.31
C LEU B 267 16.18 20.84 -10.31
N PRO B 268 17.39 20.52 -10.81
CA PRO B 268 17.95 19.17 -10.88
C PRO B 268 18.75 18.98 -9.59
N ALA B 269 18.14 18.36 -8.59
CA ALA B 269 18.81 18.17 -7.32
C ALA B 269 18.82 16.72 -6.86
N VAL B 270 19.95 16.06 -7.08
CA VAL B 270 20.11 14.65 -6.69
C VAL B 270 20.01 14.55 -5.17
N ALA B 271 19.12 13.68 -4.71
CA ALA B 271 18.88 13.51 -3.29
C ALA B 271 19.53 12.32 -2.60
N ASN B 272 19.25 11.13 -3.14
CA ASN B 272 19.73 9.86 -2.59
C ASN B 272 21.21 9.45 -2.64
N MET B 273 22.13 10.38 -2.79
CA MET B 273 23.53 9.98 -2.83
C MET B 273 24.30 10.20 -1.53
N LEU B 274 25.36 9.41 -1.35
CA LEU B 274 26.21 9.46 -0.16
C LEU B 274 27.56 10.12 -0.40
N LEU B 275 27.93 11.04 0.48
CA LEU B 275 29.22 11.70 0.38
C LEU B 275 30.20 11.01 1.32
N GLU B 276 31.26 10.43 0.77
CA GLU B 276 32.27 9.79 1.60
C GLU B 276 33.47 10.73 1.69
N VAL B 277 34.02 10.87 2.88
CA VAL B 277 35.19 11.72 3.10
C VAL B 277 35.97 11.30 4.33
N GLY B 278 37.30 11.41 4.23
CA GLY B 278 38.19 11.05 5.33
C GLY B 278 37.71 9.88 6.15
N GLY B 279 37.20 8.86 5.48
CA GLY B 279 36.73 7.69 6.19
C GLY B 279 35.29 7.78 6.63
N LEU B 280 34.82 8.97 6.97
CA LEU B 280 33.42 9.08 7.37
C LEU B 280 32.54 9.30 6.16
N GLU B 281 31.28 8.89 6.31
CA GLU B 281 30.31 8.98 5.23
C GLU B 281 28.97 9.57 5.64
N PHE B 282 28.43 10.44 4.77
CA PHE B 282 27.15 11.10 5.00
C PHE B 282 26.17 10.56 3.98
N PRO B 283 25.23 9.71 4.42
CA PRO B 283 24.21 9.09 3.57
C PRO B 283 23.08 10.03 3.14
N ALA B 284 23.10 11.26 3.64
CA ALA B 284 22.08 12.23 3.27
C ALA B 284 22.72 13.58 3.01
N CYS B 285 22.78 13.95 1.74
CA CYS B 285 23.34 15.24 1.38
C CYS B 285 22.93 15.61 -0.03
N PRO B 286 21.66 15.95 -0.21
CA PRO B 286 21.18 16.32 -1.54
C PRO B 286 21.92 17.55 -2.05
N PHE B 287 22.17 17.56 -3.36
CA PHE B 287 22.86 18.65 -4.01
C PHE B 287 22.17 18.94 -5.33
N ASN B 288 22.61 20.02 -5.98
CA ASN B 288 22.02 20.40 -7.25
C ASN B 288 22.91 21.33 -8.05
N GLY B 289 22.65 21.35 -9.34
CA GLY B 289 23.35 22.23 -10.24
C GLY B 289 22.22 22.73 -11.13
N TRP B 290 22.51 22.91 -12.40
CA TRP B 290 21.47 23.34 -13.32
C TRP B 290 21.42 22.35 -14.46
N TYR B 291 20.27 22.32 -15.12
CA TYR B 291 20.04 21.42 -16.23
C TYR B 291 20.82 21.67 -17.49
N MET B 292 20.96 20.59 -18.25
CA MET B 292 21.59 20.59 -19.55
C MET B 292 20.46 20.08 -20.43
N GLY B 293 20.06 20.91 -21.39
CA GLY B 293 18.97 20.60 -22.29
C GLY B 293 18.57 19.15 -22.47
N THR B 294 19.49 18.36 -23.02
CA THR B 294 19.27 16.95 -23.29
C THR B 294 18.70 16.10 -22.16
N GLU B 295 18.99 16.46 -20.91
CA GLU B 295 18.49 15.71 -19.76
C GLU B 295 16.98 15.67 -19.81
N ILE B 296 16.39 16.84 -20.01
CA ILE B 296 14.95 16.98 -20.09
C ILE B 296 14.42 16.54 -21.46
N GLY B 297 14.93 17.20 -22.50
CA GLY B 297 14.47 16.91 -23.84
C GLY B 297 14.65 15.51 -24.38
N VAL B 298 15.84 14.96 -24.23
CA VAL B 298 16.14 13.64 -24.75
C VAL B 298 15.76 12.52 -23.79
N ARG B 299 16.30 12.60 -22.58
CA ARG B 299 16.06 11.57 -21.58
C ARG B 299 14.65 11.55 -21.00
N ASP B 300 14.34 12.55 -20.19
CA ASP B 300 13.04 12.68 -19.53
C ASP B 300 11.82 12.61 -20.43
N PHE B 301 11.89 13.32 -21.55
CA PHE B 301 10.79 13.36 -22.51
C PHE B 301 10.72 12.23 -23.52
N CYS B 302 11.86 11.79 -24.02
CA CYS B 302 11.85 10.77 -25.05
C CYS B 302 12.14 9.31 -24.70
N ASP B 303 12.62 9.06 -23.49
CA ASP B 303 12.89 7.68 -23.10
C ASP B 303 11.58 6.90 -23.10
N THR B 304 11.58 5.72 -23.71
CA THR B 304 10.37 4.90 -23.73
C THR B 304 9.97 4.54 -22.29
N GLN B 305 10.96 4.55 -21.40
CA GLN B 305 10.79 4.24 -19.99
C GLN B 305 10.30 5.46 -19.18
N ARG B 306 10.38 6.65 -19.77
CA ARG B 306 9.94 7.88 -19.12
C ARG B 306 8.68 8.39 -19.80
N TYR B 307 8.62 9.70 -20.05
CA TYR B 307 7.46 10.32 -20.69
C TYR B 307 7.12 9.88 -22.10
N ASN B 308 8.06 9.24 -22.79
CA ASN B 308 7.85 8.69 -24.13
C ASN B 308 6.99 9.55 -25.09
N ILE B 309 7.43 10.76 -25.38
CA ILE B 309 6.67 11.64 -26.28
C ILE B 309 7.09 11.60 -27.75
N LEU B 310 8.27 11.06 -28.03
CA LEU B 310 8.82 11.01 -29.38
C LEU B 310 7.87 10.73 -30.55
N GLU B 311 7.01 9.72 -30.44
CA GLU B 311 6.06 9.40 -31.51
C GLU B 311 5.03 10.51 -31.73
N GLU B 312 4.46 11.01 -30.63
CA GLU B 312 3.45 12.08 -30.68
C GLU B 312 4.02 13.35 -31.30
N VAL B 313 5.28 13.65 -31.00
CA VAL B 313 5.95 14.83 -31.52
C VAL B 313 6.26 14.65 -33.01
N GLY B 314 6.71 13.46 -33.37
CA GLY B 314 7.03 13.18 -34.77
C GLY B 314 5.77 13.12 -35.61
N ARG B 315 4.65 12.76 -34.97
CA ARG B 315 3.36 12.64 -35.62
C ARG B 315 2.83 14.03 -36.01
N ARG B 316 2.84 14.95 -35.05
CA ARG B 316 2.38 16.31 -35.28
C ARG B 316 3.35 17.12 -36.12
N MET B 317 4.53 16.57 -36.37
CA MET B 317 5.54 17.23 -37.19
C MET B 317 5.35 16.87 -38.67
N GLY B 318 4.48 15.89 -38.92
CA GLY B 318 4.20 15.45 -40.27
C GLY B 318 5.21 14.50 -40.88
N LEU B 319 6.10 13.95 -40.06
CA LEU B 319 7.14 13.03 -40.52
C LEU B 319 6.64 11.60 -40.71
N GLU B 320 7.46 10.76 -41.36
CA GLU B 320 7.11 9.36 -41.62
C GLU B 320 7.35 8.46 -40.42
N THR B 321 6.45 8.58 -39.43
CA THR B 321 6.50 7.84 -38.17
C THR B 321 6.63 6.32 -38.29
N HIS B 322 6.27 5.76 -39.45
CA HIS B 322 6.32 4.32 -39.65
C HIS B 322 7.52 3.82 -40.45
N THR B 323 8.45 4.73 -40.72
CA THR B 323 9.65 4.37 -41.47
C THR B 323 10.86 4.84 -40.69
N LEU B 324 11.57 3.89 -40.07
CA LEU B 324 12.76 4.20 -39.29
C LEU B 324 13.77 5.02 -40.10
N ALA B 325 14.08 4.52 -41.30
CA ALA B 325 15.03 5.15 -42.22
C ALA B 325 14.82 6.64 -42.47
N SER B 326 13.60 7.14 -42.30
CA SER B 326 13.30 8.54 -42.53
C SER B 326 14.00 9.48 -41.55
N LEU B 327 14.54 8.91 -40.47
CA LEU B 327 15.24 9.68 -39.44
C LEU B 327 14.32 10.70 -38.75
N TRP B 328 13.03 10.38 -38.72
CA TRP B 328 12.04 11.26 -38.10
C TRP B 328 12.34 11.42 -36.62
N LYS B 329 12.90 10.38 -36.02
CA LYS B 329 13.27 10.41 -34.61
C LYS B 329 14.35 11.47 -34.36
N ASP B 330 15.35 11.52 -35.23
CA ASP B 330 16.45 12.49 -35.10
C ASP B 330 15.88 13.88 -35.28
N ARG B 331 14.92 14.01 -36.19
CA ARG B 331 14.28 15.28 -36.47
C ARG B 331 13.44 15.73 -35.28
N ALA B 332 12.62 14.82 -34.76
CA ALA B 332 11.74 15.11 -33.63
C ALA B 332 12.51 15.54 -32.40
N VAL B 333 13.34 14.64 -31.88
CA VAL B 333 14.13 14.91 -30.69
C VAL B 333 14.85 16.25 -30.72
N THR B 334 15.41 16.61 -31.87
CA THR B 334 16.11 17.89 -31.99
C THR B 334 15.14 19.04 -31.76
N GLU B 335 13.92 18.89 -32.26
CA GLU B 335 12.90 19.93 -32.08
C GLU B 335 12.47 19.99 -30.61
N ILE B 336 12.43 18.83 -29.96
CA ILE B 336 12.09 18.80 -28.55
C ILE B 336 13.21 19.48 -27.76
N ASN B 337 14.46 19.26 -28.18
CA ASN B 337 15.61 19.87 -27.52
C ASN B 337 15.59 21.39 -27.63
N VAL B 338 15.29 21.92 -28.81
CA VAL B 338 15.24 23.37 -28.96
C VAL B 338 14.05 23.96 -28.18
N ALA B 339 12.98 23.17 -28.04
CA ALA B 339 11.78 23.58 -27.29
C ALA B 339 12.18 23.84 -25.84
N VAL B 340 12.83 22.84 -25.24
CA VAL B 340 13.30 22.93 -23.87
C VAL B 340 14.20 24.14 -23.72
N LEU B 341 15.27 24.20 -24.52
CA LEU B 341 16.22 25.31 -24.47
C LEU B 341 15.55 26.65 -24.62
N HIS B 342 14.62 26.73 -25.56
CA HIS B 342 13.90 27.95 -25.81
C HIS B 342 13.07 28.36 -24.61
N SER B 343 12.25 27.43 -24.10
CA SER B 343 11.40 27.69 -22.94
C SER B 343 12.18 28.18 -21.71
N PHE B 344 13.25 27.48 -21.36
CA PHE B 344 14.09 27.87 -20.23
C PHE B 344 14.72 29.24 -20.52
N GLN B 345 15.08 29.46 -21.78
CA GLN B 345 15.68 30.71 -22.25
C GLN B 345 14.73 31.89 -22.05
N LYS B 346 13.50 31.70 -22.52
CA LYS B 346 12.42 32.69 -22.45
C LYS B 346 12.00 33.03 -21.04
N GLN B 347 11.70 32.00 -20.25
CA GLN B 347 11.27 32.21 -18.87
C GLN B 347 12.40 32.50 -17.88
N ASN B 348 13.56 32.86 -18.42
CA ASN B 348 14.76 33.21 -17.66
C ASN B 348 15.21 32.23 -16.58
N VAL B 349 15.32 30.97 -16.96
CA VAL B 349 15.75 29.90 -16.08
C VAL B 349 17.01 29.29 -16.66
N THR B 350 18.08 29.29 -15.87
CA THR B 350 19.36 28.76 -16.28
C THR B 350 19.31 27.35 -16.83
N ILE B 351 20.07 27.14 -17.90
CA ILE B 351 20.18 25.85 -18.57
C ILE B 351 21.30 25.99 -19.59
N MET B 352 21.94 24.86 -19.89
CA MET B 352 23.05 24.83 -20.84
C MET B 352 22.81 23.75 -21.89
N ASP B 353 23.11 24.07 -23.14
CA ASP B 353 22.94 23.11 -24.22
C ASP B 353 24.09 22.12 -24.10
N HIS B 354 23.89 20.91 -24.61
CA HIS B 354 24.91 19.88 -24.51
C HIS B 354 26.22 20.21 -25.18
N HIS B 355 26.19 21.07 -26.20
CA HIS B 355 27.40 21.46 -26.92
C HIS B 355 28.30 22.33 -26.07
N THR B 356 27.78 23.45 -25.62
CA THR B 356 28.55 24.36 -24.79
C THR B 356 28.97 23.61 -23.55
N ALA B 357 28.08 22.76 -23.05
CA ALA B 357 28.32 21.95 -21.87
C ALA B 357 29.60 21.15 -22.06
N SER B 358 29.69 20.47 -23.19
CA SER B 358 30.85 19.66 -23.54
C SER B 358 32.09 20.52 -23.72
N GLU B 359 31.95 21.62 -24.46
CA GLU B 359 33.08 22.51 -24.68
C GLU B 359 33.66 23.01 -23.36
N SER B 360 32.82 23.13 -22.34
CA SER B 360 33.28 23.59 -21.03
C SER B 360 33.97 22.44 -20.30
N PHE B 361 33.40 21.25 -20.38
CA PHE B 361 33.99 20.10 -19.72
C PHE B 361 35.39 19.83 -20.27
N MET B 362 35.59 20.12 -21.55
CA MET B 362 36.87 19.93 -22.19
C MET B 362 37.86 20.91 -21.60
N LYS B 363 37.44 22.17 -21.47
CA LYS B 363 38.30 23.19 -20.88
C LYS B 363 38.54 22.82 -19.43
N HIS B 364 37.59 22.12 -18.83
CA HIS B 364 37.75 21.70 -17.46
C HIS B 364 38.91 20.73 -17.35
N MET B 365 38.91 19.72 -18.21
CA MET B 365 39.96 18.71 -18.22
C MET B 365 41.34 19.31 -18.32
N GLN B 366 41.55 20.14 -19.35
CA GLN B 366 42.84 20.79 -19.56
C GLN B 366 43.38 21.43 -18.29
N ASN B 367 42.51 22.15 -17.58
CA ASN B 367 42.87 22.80 -16.33
C ASN B 367 43.18 21.73 -15.30
N GLU B 368 42.33 20.72 -15.27
CA GLU B 368 42.46 19.60 -14.34
C GLU B 368 43.76 18.79 -14.48
N TYR B 369 44.17 18.48 -15.71
CA TYR B 369 45.41 17.73 -15.92
C TYR B 369 46.60 18.60 -15.60
N ARG B 370 46.59 19.81 -16.15
CA ARG B 370 47.67 20.77 -15.91
C ARG B 370 47.80 21.01 -14.41
N ALA B 371 46.67 20.98 -13.70
CA ALA B 371 46.65 21.21 -12.26
C ALA B 371 47.10 20.02 -11.42
N ARG B 372 46.22 19.04 -11.24
CA ARG B 372 46.57 17.88 -10.42
C ARG B 372 46.97 16.57 -11.11
N GLY B 373 47.18 16.62 -12.42
CA GLY B 373 47.58 15.43 -13.16
C GLY B 373 46.53 14.41 -13.56
N GLY B 374 45.26 14.78 -13.53
CA GLY B 374 44.23 13.85 -13.90
C GLY B 374 42.84 14.45 -13.87
N CYS B 375 41.84 13.58 -13.99
CA CYS B 375 40.44 13.95 -13.97
C CYS B 375 39.59 12.73 -14.29
N PRO B 376 39.05 12.07 -13.26
CA PRO B 376 38.22 10.87 -13.48
C PRO B 376 37.03 11.24 -14.36
N ALA B 377 36.80 10.45 -15.41
CA ALA B 377 35.72 10.71 -16.34
C ALA B 377 35.08 9.45 -16.92
N ASP B 378 33.76 9.40 -16.84
CA ASP B 378 33.01 8.27 -17.36
C ASP B 378 32.49 8.69 -18.74
N TRP B 379 33.27 8.38 -19.77
CA TRP B 379 32.92 8.71 -21.14
C TRP B 379 31.45 8.36 -21.42
N ILE B 380 31.05 7.15 -21.07
CA ILE B 380 29.68 6.70 -21.31
C ILE B 380 28.61 7.71 -20.85
N TRP B 381 28.87 8.37 -19.74
CA TRP B 381 27.96 9.37 -19.19
C TRP B 381 28.18 10.78 -19.71
N LEU B 382 29.45 11.17 -19.80
CA LEU B 382 29.82 12.50 -20.25
C LEU B 382 29.48 12.81 -21.71
N VAL B 383 29.18 11.77 -22.48
CA VAL B 383 28.82 11.98 -23.87
C VAL B 383 27.30 12.16 -23.95
N PRO B 384 26.86 13.37 -24.36
CA PRO B 384 25.44 13.72 -24.51
C PRO B 384 24.68 12.59 -25.18
N PRO B 385 23.44 12.35 -24.75
CA PRO B 385 22.56 11.30 -25.27
C PRO B 385 22.11 11.50 -26.72
N VAL B 386 22.72 12.46 -27.39
CA VAL B 386 22.40 12.77 -28.76
C VAL B 386 23.55 13.58 -29.35
N SER B 387 23.80 13.40 -30.64
CA SER B 387 24.86 14.13 -31.33
C SER B 387 26.23 13.94 -30.67
N GLY B 388 26.46 12.71 -30.20
CA GLY B 388 27.69 12.35 -29.53
C GLY B 388 28.97 12.82 -30.21
N SER B 389 29.27 12.29 -31.39
CA SER B 389 30.48 12.64 -32.12
C SER B 389 30.62 14.11 -32.52
N ILE B 390 29.51 14.84 -32.52
CA ILE B 390 29.54 16.27 -32.84
C ILE B 390 30.08 16.97 -31.60
N THR B 391 30.14 16.21 -30.51
CA THR B 391 30.63 16.68 -29.23
C THR B 391 32.11 16.32 -29.06
N PRO B 392 32.92 17.24 -28.50
CA PRO B 392 34.36 17.06 -28.26
C PRO B 392 34.69 15.89 -27.35
N VAL B 393 33.88 15.66 -26.31
CA VAL B 393 34.09 14.58 -25.35
C VAL B 393 34.03 13.19 -25.99
N PHE B 394 33.32 13.07 -27.10
CA PHE B 394 33.21 11.81 -27.83
C PHE B 394 34.59 11.42 -28.35
N HIS B 395 35.36 12.43 -28.76
CA HIS B 395 36.71 12.25 -29.31
C HIS B 395 37.83 12.24 -28.29
N GLN B 396 37.48 12.31 -27.00
CA GLN B 396 38.46 12.32 -25.93
C GLN B 396 38.52 11.00 -25.19
N GLU B 397 39.71 10.40 -25.14
CA GLU B 397 39.89 9.17 -24.39
C GLU B 397 39.92 9.63 -22.94
N MET B 398 39.36 8.83 -22.05
CA MET B 398 39.32 9.19 -20.63
C MET B 398 39.26 7.98 -19.70
N LEU B 399 39.88 8.12 -18.53
CA LEU B 399 39.92 7.05 -17.52
C LEU B 399 38.91 7.32 -16.42
N ASN B 400 38.17 6.29 -16.04
CA ASN B 400 37.17 6.38 -14.99
C ASN B 400 37.75 5.70 -13.75
N TYR B 401 37.80 6.41 -12.63
CA TYR B 401 38.33 5.84 -11.39
C TYR B 401 37.85 6.56 -10.13
N VAL B 402 37.51 5.78 -9.11
CA VAL B 402 37.02 6.30 -7.84
C VAL B 402 38.13 6.88 -6.96
N LEU B 403 37.97 8.15 -6.55
CA LEU B 403 38.93 8.81 -5.69
C LEU B 403 38.25 9.09 -4.36
N SER B 404 38.79 10.05 -3.63
CA SER B 404 38.21 10.43 -2.35
C SER B 404 38.59 11.87 -2.03
N PRO B 405 37.63 12.67 -1.53
CA PRO B 405 36.22 12.32 -1.24
C PRO B 405 35.41 11.94 -2.48
N PHE B 406 34.22 11.38 -2.28
CA PHE B 406 33.44 10.92 -3.42
C PHE B 406 31.94 10.74 -3.17
N TYR B 407 31.15 10.97 -4.22
CA TYR B 407 29.70 10.81 -4.18
C TYR B 407 29.32 9.41 -4.66
N TYR B 408 29.06 8.53 -3.72
CA TYR B 408 28.68 7.16 -4.03
C TYR B 408 27.17 7.02 -4.12
N TYR B 409 26.73 5.96 -4.78
CA TYR B 409 25.30 5.66 -4.87
C TYR B 409 25.04 4.92 -3.55
N GLN B 410 23.82 4.44 -3.37
CA GLN B 410 23.52 3.67 -2.17
C GLN B 410 22.25 2.87 -2.35
N ILE B 411 22.15 1.76 -1.62
CA ILE B 411 21.00 0.88 -1.70
C ILE B 411 19.72 1.62 -1.38
N GLU B 412 18.70 1.39 -2.22
CA GLU B 412 17.40 2.01 -2.05
C GLU B 412 16.92 1.69 -0.64
N PRO B 413 16.81 2.73 0.21
CA PRO B 413 16.39 2.68 1.61
C PRO B 413 15.19 1.80 1.99
N TRP B 414 14.13 1.81 1.18
CA TRP B 414 12.96 0.99 1.49
C TRP B 414 13.24 -0.51 1.46
N LYS B 415 14.42 -0.88 0.97
CA LYS B 415 14.82 -2.28 0.92
C LYS B 415 15.52 -2.68 2.22
N THR B 416 16.41 -1.81 2.68
CA THR B 416 17.17 -2.02 3.91
C THR B 416 16.65 -1.14 5.05
N HIS B 417 15.56 -1.55 5.70
CA HIS B 417 15.00 -0.73 6.78
C HIS B 417 14.18 -1.40 7.89
N ILE B 418 14.56 -1.11 9.12
CA ILE B 418 13.90 -1.61 10.32
C ILE B 418 12.68 -0.74 10.65
N TRP B 419 11.48 -1.30 10.48
CA TRP B 419 10.27 -0.56 10.80
C TRP B 419 9.88 -0.72 12.28
N GLN B 420 8.92 0.07 12.76
CA GLN B 420 8.48 0.02 14.16
C GLN B 420 8.10 -1.38 14.67
S SO4 C . -30.43 -25.99 25.46
O1 SO4 C . -31.24 -27.25 25.58
O2 SO4 C . -31.20 -25.02 24.69
O3 SO4 C . -30.18 -25.41 26.79
O4 SO4 C . -29.14 -26.23 24.76
CHA HEM D . -27.35 -12.48 10.24
CHB HEM D . -30.67 -14.15 7.26
CHC HEM D . -28.69 -18.44 7.54
CHD HEM D . -25.75 -16.94 10.98
C1A HEM D . -28.35 -12.54 9.30
C2A HEM D . -29.08 -11.39 8.81
C3A HEM D . -30.07 -11.89 8.01
C4A HEM D . -29.91 -13.31 7.99
CMA HEM D . -31.18 -11.13 7.32
CAA HEM D . -28.70 -9.96 8.98
CBA HEM D . -27.58 -9.71 8.00
CGA HEM D . -27.02 -8.31 8.07
O1A HEM D . -25.79 -8.18 7.97
O2A HEM D . -27.82 -7.35 8.23
C1B HEM D . -30.50 -15.50 7.13
C2B HEM D . -31.26 -16.31 6.26
C3B HEM D . -30.67 -17.54 6.26
C4B HEM D . -29.55 -17.44 7.20
CMB HEM D . -32.57 -15.91 5.56
CAB HEM D . -31.10 -18.61 5.47
CBB HEM D . -30.97 -19.96 5.68
C1C HEM D . -27.70 -18.40 8.47
C2C HEM D . -26.83 -19.51 8.75
C3C HEM D . -26.00 -19.13 9.78
C4C HEM D . -26.41 -17.76 10.07
CMC HEM D . -26.82 -20.79 7.91
CAC HEM D . -24.99 -19.84 10.45
CBC HEM D . -24.65 -21.18 10.33
C1D HEM D . -25.97 -15.58 11.16
C2D HEM D . -25.19 -14.72 12.04
C3D HEM D . -25.64 -13.49 11.77
C4D HEM D . -26.66 -13.56 10.77
CMD HEM D . -24.09 -15.06 13.02
CAD HEM D . -25.12 -12.24 12.36
CBD HEM D . -24.12 -11.57 11.45
CGD HEM D . -23.47 -10.37 12.07
O1D HEM D . -22.90 -9.53 11.33
O2D HEM D . -23.52 -10.25 13.32
NA HEM D . -28.85 -13.70 8.78
NB HEM D . -29.48 -16.19 7.73
NC HEM D . -27.43 -17.35 9.26
ND HEM D . -26.88 -14.86 10.41
FE HEM D . -28.49 -15.63 9.42
N1 H4B E . -29.96 -4.83 11.70
C2 H4B E . -29.45 -5.58 10.73
N2 H4B E . -30.11 -6.65 10.32
N3 H4B E . -28.28 -5.27 10.12
C4 H4B E . -27.60 -4.19 10.49
O4 H4B E . -26.52 -3.89 10.00
C4A H4B E . -28.11 -3.34 11.47
C8A H4B E . -29.35 -3.71 12.08
N5 H4B E . -27.47 -2.23 11.82
N8 H4B E . -29.90 -2.93 13.03
C6 H4B E . -27.94 -1.48 12.97
C7 H4B E . -29.30 -1.74 13.43
C9 H4B E . -27.04 -0.32 13.34
O9 H4B E . -27.09 0.68 12.32
C10 H4B E . -27.34 0.32 14.70
C11 H4B E . -26.36 1.45 14.99
O10 H4B E . -27.28 -0.68 15.72
N SCI F . -26.31 -8.41 4.88
CA SCI F . -25.26 -8.97 4.01
CB SCI F . -25.35 -10.49 4.01
CG SCI F . -24.82 -11.10 5.30
CD SCI F . -25.57 -12.36 5.75
NE SCI F . -26.89 -12.48 5.17
CZ SCI F . -27.54 -13.64 5.04
NH1 SCI F . -28.75 -13.68 4.49
S SCI F . -26.82 -15.07 5.56
C SCI F . -25.31 -8.43 2.59
OT1 SCI F . -26.31 -7.77 2.25
OT2 SCI F . -24.34 -8.67 1.84
CHA HEM G . 25.57 14.02 -13.02
CHB HEM G . 25.37 18.31 -15.09
CHC HEM G . 26.43 20.30 -10.94
CHD HEM G . 27.24 16.01 -9.00
C1A HEM G . 25.28 15.03 -13.91
C2A HEM G . 24.71 14.86 -15.20
C3A HEM G . 24.75 16.05 -15.81
C4A HEM G . 25.27 16.96 -14.87
CMA HEM G . 24.42 16.40 -17.23
CAA HEM G . 24.08 13.61 -15.72
CBA HEM G . 22.66 13.55 -15.20
CGA HEM G . 21.97 12.23 -15.50
O1A HEM G . 21.22 11.73 -14.64
O2A HEM G . 22.19 11.69 -16.61
C1B HEM G . 25.74 19.25 -14.16
C2B HEM G . 25.70 20.67 -14.41
C3B HEM G . 25.94 21.24 -13.21
C4B HEM G . 26.15 20.17 -12.26
CMB HEM G . 25.55 21.39 -15.74
CAB HEM G . 25.90 22.60 -13.04
CBB HEM G . 26.59 23.34 -12.11
C1C HEM G . 26.69 19.31 -10.02
C2C HEM G . 26.95 19.56 -8.62
C3C HEM G . 27.25 18.34 -8.05
C4C HEM G . 27.12 17.38 -9.14
CMC HEM G . 26.80 20.93 -7.96
CAC HEM G . 27.63 18.00 -6.74
CBC HEM G . 27.81 18.85 -5.66
C1D HEM G . 26.98 15.05 -9.96
C2D HEM G . 26.93 13.63 -9.72
C3D HEM G . 26.43 13.12 -10.85
C4D HEM G . 26.17 14.16 -11.79
CMD HEM G . 27.33 12.83 -8.51
CAD HEM G . 26.14 11.67 -11.06
CBD HEM G . 24.71 11.33 -10.70
CGD HEM G . 24.43 9.87 -10.89
O1D HEM G . 23.25 9.51 -11.10
O2D HEM G . 25.40 9.07 -10.84
NA HEM G . 25.59 16.33 -13.71
NB HEM G . 26.03 18.97 -12.87
NC HEM G . 26.78 18.00 -10.31
ND HEM G . 26.53 15.35 -11.23
FE HEM G . 26.61 17.15 -12.14
N1 H4B H . 24.82 8.87 -19.39
C2 H4B H . 24.13 9.76 -18.70
N2 H4B H . 24.56 11.02 -18.64
N3 H4B H . 22.98 9.44 -18.07
C4 H4B H . 22.51 8.21 -18.13
O4 H4B H . 21.47 7.88 -17.53
C4A H4B H . 23.19 7.22 -18.88
C8A H4B H . 24.39 7.62 -19.54
N5 H4B H . 22.75 5.97 -18.95
N8 H4B H . 25.05 6.75 -20.31
C6 H4B H . 23.57 4.97 -19.56
C7 H4B H . 24.62 5.45 -20.47
C9 H4B H . 22.96 3.58 -19.53
O9 H4B H . 21.75 3.58 -20.31
C10 H4B H . 23.89 2.48 -20.02
C11 H4B H . 23.21 1.13 -19.90
O10 H4B H . 25.09 2.49 -19.23
N SCI I . 19.12 13.93 -15.37
CA SCI I . 18.22 14.36 -14.32
CB SCI I . 18.88 15.47 -13.49
CG SCI I . 19.95 14.91 -12.57
CD SCI I . 21.08 15.91 -12.29
NE SCI I . 21.29 16.86 -13.38
CZ SCI I . 22.01 17.98 -13.26
NH1 SCI I . 22.12 18.81 -14.31
S SCI I . 22.80 18.36 -11.82
C SCI I . 16.85 14.82 -14.85
OT1 SCI I . 16.76 15.02 -16.08
OT2 SCI I . 15.91 14.96 -14.04
#